data_3SDS
#
_entry.id   3SDS
#
_cell.length_a   150.360
_cell.length_b   150.360
_cell.length_c   92.110
_cell.angle_alpha   90.000
_cell.angle_beta   90.000
_cell.angle_gamma   120.000
#
_symmetry.space_group_name_H-M   'P 3 2 1'
#
loop_
_entity.id
_entity.type
_entity.pdbx_description
1 polymer 'Ornithine carbamoyltransferase, mitochondrial'
2 non-polymer 'CHLORIDE ION'
3 water water
#
_entity_poly.entity_id   1
_entity_poly.type   'polypeptide(L)'
_entity_poly.pdbx_seq_one_letter_code
;GPGSMAKNQWRPYTNGSHAPSTPRHLLSIADLTPTEFATLVRNASSYKKTIKSDSMPERLTGALSGKTVAMMFSKRSTRT
RVSTEGAVVKMGGHPMFLGKDDIQLGVNESLYDTSVVISSMVSCIVARVGPHSDIANLAKHSSVPVINALCDTFHPLQAI
ADFLTIHESFASQSATHGTHPSSLGLEGLKIAWVGDANNVLFDLAIAATKMGVNVAVATPRGYEIPSHIVELIQKAREGV
QSPGNLTQTTVPEVAVKDADVIVTDTWISMGQETEKIKRLEAFKDFKVTSELAKRGGAKENWKFMHCLPRHPEEVSDEVF
YSERSLVFPEAENRLWAAISALEAFVVNKGKIA
;
_entity_poly.pdbx_strand_id   A,B,C
#
# COMPACT_ATOMS: atom_id res chain seq x y z
N THR A 22 -1.79 26.77 37.48
CA THR A 22 -2.56 25.50 37.65
C THR A 22 -2.31 24.48 36.49
N PRO A 23 -1.78 23.27 36.81
CA PRO A 23 -1.58 22.22 35.78
C PRO A 23 -2.88 21.57 35.33
N ARG A 24 -2.91 21.09 34.09
CA ARG A 24 -4.07 20.40 33.52
C ARG A 24 -3.85 18.90 33.64
N HIS A 25 -4.85 18.17 34.15
CA HIS A 25 -4.72 16.73 34.34
C HIS A 25 -5.53 15.91 33.29
N LEU A 26 -5.18 14.63 33.11
CA LEU A 26 -6.02 13.71 32.36
C LEU A 26 -6.58 12.65 33.31
N LEU A 27 -7.83 12.83 33.77
CA LEU A 27 -8.48 11.86 34.69
C LEU A 27 -9.50 10.92 34.02
N SER A 28 -10.04 11.38 32.88
CA SER A 28 -11.15 10.73 32.15
C SER A 28 -11.30 11.35 30.77
N ILE A 29 -11.82 10.59 29.81
CA ILE A 29 -12.19 11.14 28.50
C ILE A 29 -13.21 12.29 28.62
N ALA A 30 -13.95 12.32 29.73
CA ALA A 30 -14.86 13.42 30.00
C ALA A 30 -14.20 14.81 29.99
N ASP A 31 -12.87 14.86 30.16
CA ASP A 31 -12.13 16.13 30.15
C ASP A 31 -11.71 16.59 28.74
N LEU A 32 -12.02 15.80 27.71
CA LEU A 32 -11.52 16.11 26.37
C LEU A 32 -12.64 16.50 25.45
N THR A 33 -12.42 17.51 24.61
CA THR A 33 -13.40 17.84 23.57
C THR A 33 -13.32 16.74 22.53
N PRO A 34 -14.34 16.65 21.65
CA PRO A 34 -14.21 15.69 20.54
C PRO A 34 -12.97 15.98 19.65
N THR A 35 -12.65 17.24 19.36
CA THR A 35 -11.44 17.57 18.59
C THR A 35 -10.14 17.09 19.26
N GLU A 36 -9.97 17.42 20.54
CA GLU A 36 -8.81 17.02 21.31
C GLU A 36 -8.62 15.50 21.32
N PHE A 37 -9.72 14.74 21.31
CA PHE A 37 -9.62 13.28 21.37
C PHE A 37 -9.21 12.69 20.03
N ALA A 38 -9.78 13.20 18.95
CA ALA A 38 -9.39 12.71 17.64
C ALA A 38 -7.90 13.01 17.36
N THR A 39 -7.42 14.15 17.84
CA THR A 39 -6.02 14.58 17.66
C THR A 39 -5.01 13.66 18.38
N LEU A 40 -5.34 13.25 19.60
CA LEU A 40 -4.51 12.29 20.34
C LEU A 40 -4.40 10.96 19.57
N VAL A 41 -5.52 10.55 18.98
CA VAL A 41 -5.54 9.31 18.23
C VAL A 41 -4.75 9.44 16.92
N ARG A 42 -4.97 10.51 16.15
CA ARG A 42 -4.16 10.70 14.93
C ARG A 42 -2.65 10.74 15.25
N ASN A 43 -2.27 11.49 16.29
CA ASN A 43 -0.86 11.57 16.68
C ASN A 43 -0.23 10.19 16.98
N ALA A 44 -0.94 9.35 17.75
CA ALA A 44 -0.47 8.00 18.06
C ALA A 44 -0.30 7.18 16.78
N SER A 45 -1.30 7.24 15.89
CA SER A 45 -1.21 6.57 14.62
C SER A 45 0.05 6.99 13.81
N SER A 46 0.28 8.31 13.74
CA SER A 46 1.39 8.89 13.04
C SER A 46 2.74 8.46 13.63
N TYR A 47 2.90 8.64 14.95
CA TYR A 47 4.16 8.29 15.62
C TYR A 47 4.51 6.81 15.46
N LYS A 48 3.47 5.97 15.49
CA LYS A 48 3.57 4.51 15.30
C LYS A 48 4.13 4.13 13.93
N LYS A 49 3.63 4.78 12.89
CA LYS A 49 4.08 4.50 11.52
C LYS A 49 5.56 4.91 11.32
N THR A 50 5.94 6.08 11.84
CA THR A 50 7.32 6.59 11.71
C THR A 50 8.32 5.69 12.47
N ILE A 51 8.05 5.44 13.76
CA ILE A 51 8.97 4.67 14.64
C ILE A 51 9.11 3.17 14.20
N LYS A 52 8.01 2.55 13.78
CA LYS A 52 8.08 1.14 13.30
C LYS A 52 8.80 0.97 12.00
N SER A 53 9.11 2.06 11.30
CA SER A 53 9.95 2.00 10.09
C SER A 53 11.29 2.72 10.24
N ASP A 54 11.80 2.68 11.48
CA ASP A 54 13.20 3.00 11.79
C ASP A 54 13.54 4.51 11.76
N SER A 55 12.57 5.35 12.16
CA SER A 55 12.77 6.80 12.24
C SER A 55 12.24 7.43 13.55
N MET A 56 12.75 8.63 13.87
CA MET A 56 12.26 9.42 15.02
C MET A 56 11.58 10.72 14.59
N PRO A 57 10.36 10.98 15.09
CA PRO A 57 9.71 12.29 14.91
C PRO A 57 10.50 13.43 15.58
N GLU A 58 10.78 14.53 14.87
CA GLU A 58 11.44 15.71 15.49
C GLU A 58 10.83 16.19 16.83
N ARG A 59 9.50 16.32 16.88
CA ARG A 59 8.78 16.72 18.10
C ARG A 59 9.16 15.90 19.34
N LEU A 60 9.53 14.62 19.16
CA LEU A 60 9.75 13.73 20.29
C LEU A 60 11.22 13.58 20.77
N THR A 61 12.20 13.96 19.95
CA THR A 61 13.60 13.63 20.24
C THR A 61 14.20 14.43 21.42
N GLY A 62 14.59 13.74 22.49
CA GLY A 62 15.03 14.43 23.68
C GLY A 62 13.99 15.37 24.30
N ALA A 63 12.73 15.23 23.96
CA ALA A 63 11.69 16.10 24.52
C ALA A 63 11.62 16.04 26.05
N LEU A 64 11.97 14.90 26.65
CA LEU A 64 11.90 14.73 28.11
C LEU A 64 13.26 14.49 28.77
N SER A 65 14.35 14.87 28.12
CA SER A 65 15.66 14.52 28.67
C SER A 65 16.02 15.37 29.90
N GLY A 66 16.71 14.75 30.85
CA GLY A 66 16.94 15.38 32.15
C GLY A 66 15.75 15.19 33.10
N LYS A 67 14.61 14.68 32.60
CA LYS A 67 13.38 14.67 33.36
C LYS A 67 12.87 13.32 33.84
N THR A 68 12.27 13.32 35.04
CA THR A 68 11.73 12.10 35.66
C THR A 68 10.21 12.08 35.63
N VAL A 69 9.65 10.93 35.30
CA VAL A 69 8.21 10.71 35.45
C VAL A 69 7.98 9.68 36.56
N ALA A 70 7.18 10.03 37.57
CA ALA A 70 6.91 9.06 38.66
C ALA A 70 5.68 8.19 38.37
N MET A 71 5.85 6.88 38.50
CA MET A 71 4.73 5.93 38.37
C MET A 71 4.32 5.43 39.77
N MET A 72 3.12 5.80 40.21
CA MET A 72 2.63 5.35 41.52
C MET A 72 1.54 4.28 41.42
N PHE A 73 1.89 3.04 41.80
CA PHE A 73 0.95 1.94 41.67
C PHE A 73 0.54 1.32 43.00
N SER A 74 -0.77 1.27 43.26
CA SER A 74 -1.36 0.74 44.51
C SER A 74 -1.51 -0.78 44.58
N LYS A 75 -1.74 -1.38 43.42
CA LYS A 75 -1.77 -2.82 43.29
C LYS A 75 -0.91 -3.14 42.08
N ARG A 76 -0.40 -4.37 41.97
CA ARG A 76 0.38 -4.81 40.81
C ARG A 76 -0.31 -4.42 39.50
N SER A 77 0.46 -3.92 38.53
CA SER A 77 -0.08 -3.69 37.19
C SER A 77 1.01 -3.67 36.14
N THR A 78 1.61 -4.84 35.94
CA THR A 78 2.74 -5.02 35.05
C THR A 78 2.52 -4.55 33.61
N ARG A 79 1.38 -4.94 33.02
CA ARG A 79 1.06 -4.52 31.67
C ARG A 79 1.14 -2.99 31.53
N THR A 80 0.48 -2.25 32.42
CA THR A 80 0.54 -0.77 32.38
C THR A 80 1.98 -0.25 32.51
N ARG A 81 2.76 -0.86 33.35
CA ARG A 81 4.12 -0.47 33.55
C ARG A 81 4.91 -0.59 32.29
N VAL A 82 4.78 -1.70 31.61
CA VAL A 82 5.57 -1.98 30.41
C VAL A 82 5.44 -0.87 29.36
N SER A 83 4.23 -0.42 29.07
CA SER A 83 3.98 0.62 28.07
C SER A 83 4.35 2.06 28.49
N THR A 84 4.11 2.41 29.75
CA THR A 84 4.49 3.74 30.27
C THR A 84 6.02 3.82 30.24
N GLU A 85 6.66 2.78 30.75
CA GLU A 85 8.09 2.75 30.79
C GLU A 85 8.65 3.00 29.36
N GLY A 86 8.20 2.19 28.40
CA GLY A 86 8.66 2.31 27.00
C GLY A 86 8.40 3.67 26.36
N ALA A 87 7.24 4.26 26.67
CA ALA A 87 6.84 5.55 26.13
C ALA A 87 7.71 6.70 26.62
N VAL A 88 7.94 6.75 27.92
CA VAL A 88 8.84 7.74 28.50
C VAL A 88 10.22 7.66 27.84
N VAL A 89 10.77 6.45 27.71
CA VAL A 89 12.13 6.28 27.18
C VAL A 89 12.31 6.73 25.71
N LYS A 90 11.33 6.45 24.84
CA LYS A 90 11.36 7.00 23.46
C LYS A 90 11.58 8.51 23.46
N MET A 91 10.99 9.21 24.44
CA MET A 91 11.22 10.67 24.60
C MET A 91 12.50 11.06 25.35
N GLY A 92 13.32 10.07 25.69
CA GLY A 92 14.59 10.32 26.34
C GLY A 92 14.51 10.67 27.80
N GLY A 93 13.36 10.42 28.44
CA GLY A 93 13.20 10.69 29.88
C GLY A 93 13.46 9.47 30.74
N HIS A 94 13.36 9.65 32.07
CA HIS A 94 13.48 8.55 33.04
C HIS A 94 12.18 8.20 33.83
N PRO A 95 11.70 6.96 33.71
CA PRO A 95 10.54 6.43 34.45
C PRO A 95 10.87 5.83 35.83
N MET A 96 10.19 6.28 36.88
CA MET A 96 10.52 5.86 38.26
C MET A 96 9.38 5.05 38.86
N PHE A 97 9.67 3.80 39.19
CA PHE A 97 8.63 2.87 39.67
C PHE A 97 8.50 2.90 41.18
N LEU A 98 7.34 3.26 41.66
CA LEU A 98 7.10 3.25 43.10
C LEU A 98 5.84 2.42 43.34
N GLY A 99 6.04 1.17 43.77
CA GLY A 99 4.95 0.21 43.97
C GLY A 99 4.35 0.18 45.38
N LYS A 100 3.52 -0.81 45.65
CA LYS A 100 2.76 -0.85 46.90
C LYS A 100 3.59 -1.16 48.15
N ASP A 101 4.83 -1.60 47.94
CA ASP A 101 5.77 -1.80 49.04
C ASP A 101 6.61 -0.52 49.22
N ASP A 102 6.54 0.36 48.22
CA ASP A 102 7.29 1.61 48.21
C ASP A 102 6.58 2.75 48.98
N ILE A 103 5.39 3.15 48.54
CA ILE A 103 4.69 4.29 49.15
C ILE A 103 3.44 3.83 49.90
N GLY A 106 -1.59 6.93 51.72
CA GLY A 106 -1.87 7.88 52.78
C GLY A 106 -1.82 7.30 54.20
N VAL A 107 -0.94 6.32 54.42
CA VAL A 107 -0.93 5.54 55.69
C VAL A 107 0.01 6.11 56.76
N ASN A 108 1.31 6.18 56.47
CA ASN A 108 2.30 6.68 57.44
C ASN A 108 2.63 8.18 57.27
N GLU A 109 1.83 8.86 56.44
CA GLU A 109 1.99 10.28 56.09
C GLU A 109 0.74 10.76 55.34
N SER A 110 0.23 11.93 55.71
CA SER A 110 -0.96 12.54 55.07
C SER A 110 -0.92 12.55 53.53
N LEU A 111 -2.08 12.45 52.87
CA LEU A 111 -2.10 12.49 51.38
C LEU A 111 -1.65 13.85 50.81
N TYR A 112 -1.94 14.92 51.55
CA TYR A 112 -1.53 16.26 51.20
C TYR A 112 0.00 16.34 51.04
N ASP A 113 0.71 15.96 52.10
CA ASP A 113 2.18 15.99 52.16
C ASP A 113 2.86 15.22 51.00
N THR A 114 2.52 13.93 50.86
CA THR A 114 3.05 13.10 49.78
C THR A 114 2.92 13.76 48.40
N SER A 115 1.72 14.26 48.14
CA SER A 115 1.37 14.99 46.93
C SER A 115 2.24 16.26 46.67
N VAL A 116 2.41 17.12 47.68
CA VAL A 116 3.18 18.34 47.47
C VAL A 116 4.65 18.01 47.23
N VAL A 117 5.19 17.12 48.09
CA VAL A 117 6.61 16.72 48.09
C VAL A 117 7.10 15.99 46.82
N ILE A 118 6.41 14.93 46.42
CA ILE A 118 6.81 14.18 45.21
C ILE A 118 6.70 15.04 43.97
N SER A 119 5.60 15.78 43.83
CA SER A 119 5.38 16.61 42.65
C SER A 119 6.40 17.74 42.50
N SER A 120 7.07 18.12 43.59
CA SER A 120 8.05 19.19 43.52
C SER A 120 9.42 18.74 42.97
N MET A 121 9.62 17.42 42.86
CA MET A 121 10.91 16.84 42.39
C MET A 121 10.75 15.96 41.13
N VAL A 122 9.58 15.99 40.50
CA VAL A 122 9.36 15.29 39.20
C VAL A 122 8.62 16.19 38.21
N SER A 123 8.55 15.74 36.95
CA SER A 123 7.82 16.49 35.92
C SER A 123 6.40 15.98 35.62
N CYS A 124 6.08 14.75 36.06
CA CYS A 124 4.76 14.17 35.85
C CYS A 124 4.52 13.03 36.83
N ILE A 125 3.25 12.81 37.16
CA ILE A 125 2.85 11.58 37.88
C ILE A 125 1.83 10.77 37.08
N VAL A 126 2.18 9.51 36.80
CA VAL A 126 1.22 8.53 36.30
C VAL A 126 0.80 7.65 37.48
N ALA A 127 -0.48 7.71 37.86
CA ALA A 127 -0.90 7.11 39.13
C ALA A 127 -2.03 6.12 39.01
N ARG A 128 -1.93 5.05 39.79
CA ARG A 128 -3.04 4.14 39.97
C ARG A 128 -3.37 3.99 41.42
N VAL A 129 -4.63 4.22 41.74
CA VAL A 129 -5.12 4.04 43.10
C VAL A 129 -6.43 3.24 43.12
N GLY A 130 -7.02 3.07 44.30
CA GLY A 130 -8.32 2.40 44.43
C GLY A 130 -9.49 3.31 44.10
N PRO A 131 -10.13 3.91 45.14
CA PRO A 131 -11.26 4.85 44.90
C PRO A 131 -10.88 6.09 44.06
N HIS A 132 -11.83 6.62 43.28
CA HIS A 132 -11.62 7.88 42.53
C HIS A 132 -11.42 9.12 43.43
N SER A 133 -12.13 9.18 44.56
CA SER A 133 -11.91 10.25 45.54
C SER A 133 -10.41 10.39 45.86
N ASP A 134 -9.69 9.26 45.86
CA ASP A 134 -8.23 9.25 46.10
C ASP A 134 -7.43 10.04 45.06
N ILE A 135 -7.61 9.70 43.77
CA ILE A 135 -6.84 10.34 42.67
C ILE A 135 -7.09 11.86 42.53
N ALA A 136 -8.34 12.29 42.70
CA ALA A 136 -8.66 13.72 42.62
C ALA A 136 -7.93 14.53 43.69
N ASN A 137 -7.94 14.03 44.93
CA ASN A 137 -7.25 14.70 46.04
C ASN A 137 -5.73 14.86 45.81
N LEU A 138 -5.13 13.84 45.20
CA LEU A 138 -3.74 13.87 44.83
C LEU A 138 -3.50 14.95 43.78
N ALA A 139 -4.25 14.88 42.68
CA ALA A 139 -4.19 15.88 41.63
C ALA A 139 -4.44 17.30 42.16
N LYS A 140 -5.38 17.43 43.09
CA LYS A 140 -5.76 18.73 43.63
C LYS A 140 -4.54 19.48 44.15
N HIS A 141 -3.61 18.73 44.74
CA HIS A 141 -2.42 19.36 45.34
C HIS A 141 -1.08 19.12 44.62
N SER A 142 -1.11 18.43 43.49
CA SER A 142 0.08 18.25 42.68
C SER A 142 0.41 19.54 41.91
N SER A 143 1.69 19.90 41.85
CA SER A 143 2.10 21.03 41.02
C SER A 143 2.50 20.65 39.60
N VAL A 144 2.40 19.36 39.24
CA VAL A 144 2.71 18.91 37.88
C VAL A 144 1.54 18.07 37.31
N PRO A 145 1.43 17.97 35.97
CA PRO A 145 0.29 17.23 35.41
C PRO A 145 0.16 15.79 35.96
N VAL A 146 -1.03 15.38 36.36
CA VAL A 146 -1.29 13.98 36.75
C VAL A 146 -2.07 13.25 35.63
N ILE A 147 -1.62 12.06 35.24
CA ILE A 147 -2.39 11.21 34.29
C ILE A 147 -2.91 9.95 35.02
N ASN A 148 -4.21 9.66 34.83
CA ASN A 148 -4.88 8.52 35.46
C ASN A 148 -4.57 7.17 34.80
N ALA A 149 -3.76 6.35 35.47
CA ALA A 149 -3.38 5.05 34.92
C ALA A 149 -4.49 4.03 34.98
N LEU A 150 -5.39 4.20 35.95
CA LEU A 150 -6.55 3.32 36.16
C LEU A 150 -7.10 3.63 37.54
N CYS A 151 -8.41 3.87 37.61
CA CYS A 151 -9.08 3.98 38.89
C CYS A 151 -10.43 3.23 38.83
N ASP A 152 -11.21 3.39 39.89
CA ASP A 152 -12.47 2.68 40.07
C ASP A 152 -13.51 2.86 38.95
N THR A 153 -13.50 4.04 38.31
CA THR A 153 -14.51 4.43 37.33
C THR A 153 -13.96 4.89 35.96
N PHE A 154 -12.68 5.22 35.87
CA PHE A 154 -12.11 5.67 34.57
C PHE A 154 -10.88 4.90 34.15
N HIS A 155 -10.56 4.95 32.86
CA HIS A 155 -9.31 4.37 32.31
C HIS A 155 -8.99 5.07 30.98
N PRO A 156 -8.69 6.38 31.01
CA PRO A 156 -8.48 7.17 29.78
C PRO A 156 -7.50 6.57 28.75
N LEU A 157 -6.35 6.07 29.21
CA LEU A 157 -5.34 5.52 28.29
C LEU A 157 -5.88 4.37 27.43
N GLN A 158 -6.77 3.56 28.02
CA GLN A 158 -7.31 2.39 27.32
C GLN A 158 -8.22 2.79 26.14
N ALA A 159 -9.11 3.75 26.37
CA ALA A 159 -9.99 4.28 25.34
C ALA A 159 -9.18 4.78 24.10
N ILE A 160 -8.10 5.53 24.36
CA ILE A 160 -7.27 6.05 23.30
C ILE A 160 -6.69 4.88 22.47
N ALA A 161 -6.16 3.87 23.16
CA ALA A 161 -5.68 2.67 22.49
C ALA A 161 -6.76 1.99 21.67
N ASP A 162 -7.93 1.81 22.27
CA ASP A 162 -9.02 1.09 21.61
C ASP A 162 -9.47 1.80 20.34
N PHE A 163 -9.62 3.13 20.40
CA PHE A 163 -9.99 3.87 19.21
C PHE A 163 -8.88 3.94 18.13
N LEU A 164 -7.61 3.95 18.55
CA LEU A 164 -6.51 3.79 17.60
C LEU A 164 -6.68 2.50 16.82
N THR A 165 -7.06 1.44 17.52
CA THR A 165 -7.15 0.12 16.93
C THR A 165 -8.30 0.11 15.93
N ILE A 166 -9.45 0.64 16.37
CA ILE A 166 -10.65 0.67 15.54
C ILE A 166 -10.37 1.48 14.26
N HIS A 167 -9.77 2.66 14.42
CA HIS A 167 -9.37 3.55 13.31
C HIS A 167 -8.46 2.90 12.25
N GLU A 168 -7.56 2.00 12.66
CA GLU A 168 -6.68 1.27 11.73
C GLU A 168 -7.42 0.19 10.94
N SER A 169 -8.31 -0.52 11.64
CA SER A 169 -8.93 -1.72 11.10
C SER A 169 -10.05 -1.38 10.15
N PHE A 170 -10.69 -0.24 10.37
CA PHE A 170 -11.69 0.30 9.44
C PHE A 170 -11.13 1.50 8.64
N ALA A 171 -9.86 1.37 8.18
CA ALA A 171 -9.23 2.35 7.27
C ALA A 171 -9.15 1.82 5.84
N HIS A 180 -13.80 17.69 9.23
CA HIS A 180 -12.80 16.63 9.43
C HIS A 180 -12.10 16.60 10.82
N PRO A 181 -11.55 17.74 11.33
CA PRO A 181 -10.75 17.68 12.57
C PRO A 181 -11.44 17.12 13.81
N SER A 182 -12.76 17.18 13.87
CA SER A 182 -13.47 16.82 15.10
C SER A 182 -13.99 15.39 15.04
N SER A 183 -13.49 14.63 14.07
CA SER A 183 -13.96 13.27 13.84
C SER A 183 -12.88 12.34 13.28
N LEU A 184 -12.96 11.08 13.65
CA LEU A 184 -12.11 10.04 13.07
C LEU A 184 -12.78 9.30 11.90
N GLY A 185 -13.86 9.87 11.38
CA GLY A 185 -14.60 9.28 10.26
C GLY A 185 -15.29 7.96 10.55
N LEU A 186 -15.69 7.75 11.81
CA LEU A 186 -16.28 6.47 12.26
C LEU A 186 -17.80 6.49 12.47
N GLU A 187 -18.46 7.56 12.04
CA GLU A 187 -19.89 7.71 12.28
C GLU A 187 -20.72 6.53 11.79
N GLY A 188 -21.58 6.04 12.67
CA GLY A 188 -22.56 5.04 12.33
C GLY A 188 -22.12 3.62 12.59
N LEU A 189 -20.91 3.45 13.13
CA LEU A 189 -20.47 2.15 13.62
C LEU A 189 -21.23 1.67 14.87
N LYS A 190 -21.23 0.35 15.08
CA LYS A 190 -21.83 -0.23 16.27
C LYS A 190 -20.81 -1.00 17.09
N ILE A 191 -20.77 -0.73 18.40
CA ILE A 191 -19.98 -1.53 19.35
C ILE A 191 -20.92 -2.29 20.32
N ALA A 192 -20.66 -3.57 20.51
CA ALA A 192 -21.43 -4.33 21.47
C ALA A 192 -20.54 -4.79 22.61
N TRP A 193 -20.89 -4.35 23.81
CA TRP A 193 -20.22 -4.79 25.03
C TRP A 193 -21.06 -5.88 25.71
N VAL A 194 -20.43 -7.04 25.95
CA VAL A 194 -21.12 -8.16 26.64
C VAL A 194 -20.33 -8.56 27.89
N GLY A 195 -20.93 -8.37 29.05
CA GLY A 195 -20.26 -8.69 30.32
C GLY A 195 -20.54 -7.72 31.46
N ASP A 196 -19.58 -7.54 32.36
CA ASP A 196 -19.74 -6.62 33.48
C ASP A 196 -19.50 -5.16 33.09
N ALA A 197 -20.20 -4.24 33.76
CA ALA A 197 -20.05 -2.80 33.56
C ALA A 197 -18.91 -2.29 34.41
N ASN A 198 -17.80 -1.91 33.80
CA ASN A 198 -16.68 -1.45 34.60
C ASN A 198 -15.97 -0.23 34.04
N ASN A 199 -14.91 0.19 34.75
CA ASN A 199 -14.08 1.33 34.38
C ASN A 199 -13.78 1.48 32.88
N VAL A 200 -13.35 0.39 32.24
CA VAL A 200 -12.99 0.42 30.83
C VAL A 200 -14.18 0.79 29.93
N LEU A 201 -15.29 0.08 30.09
CA LEU A 201 -16.51 0.40 29.36
C LEU A 201 -16.91 1.87 29.54
N PHE A 202 -16.90 2.35 30.79
CA PHE A 202 -17.33 3.73 31.04
C PHE A 202 -16.66 4.74 30.09
N ASP A 203 -15.31 4.75 30.05
CA ASP A 203 -14.57 5.70 29.20
C ASP A 203 -14.73 5.42 27.71
N LEU A 204 -14.76 4.15 27.33
CA LEU A 204 -15.02 3.75 25.95
C LEU A 204 -16.35 4.36 25.47
N ALA A 205 -17.41 4.15 26.27
CA ALA A 205 -18.74 4.75 26.02
C ALA A 205 -18.69 6.28 25.79
N ILE A 206 -18.00 7.00 26.68
CA ILE A 206 -17.87 8.47 26.57
C ILE A 206 -17.15 8.90 25.27
N ALA A 207 -16.13 8.13 24.90
CA ALA A 207 -15.39 8.34 23.66
C ALA A 207 -16.27 8.09 22.44
N ALA A 208 -16.83 6.88 22.35
CA ALA A 208 -17.74 6.54 21.26
C ALA A 208 -18.85 7.59 21.00
N THR A 209 -19.43 8.14 22.08
CA THR A 209 -20.44 9.18 21.97
C THR A 209 -19.88 10.41 21.24
N LYS A 210 -18.71 10.88 21.67
CA LYS A 210 -18.06 12.02 20.99
C LYS A 210 -17.73 11.76 19.52
N MET A 211 -17.52 10.50 19.17
CA MET A 211 -17.11 10.11 17.82
C MET A 211 -18.27 9.67 16.92
N GLY A 212 -19.50 9.81 17.40
CA GLY A 212 -20.68 9.42 16.63
C GLY A 212 -20.80 7.91 16.43
N VAL A 213 -20.25 7.14 17.36
CA VAL A 213 -20.33 5.67 17.32
C VAL A 213 -21.37 5.10 18.29
N ASN A 214 -22.25 4.22 17.79
CA ASN A 214 -23.30 3.58 18.61
C ASN A 214 -22.81 2.44 19.51
N VAL A 215 -23.23 2.45 20.78
CA VAL A 215 -22.79 1.45 21.75
C VAL A 215 -24.00 0.76 22.35
N ALA A 216 -23.94 -0.56 22.50
CA ALA A 216 -25.04 -1.33 23.15
C ALA A 216 -24.49 -2.25 24.24
N VAL A 217 -25.11 -2.24 25.42
CA VAL A 217 -24.50 -2.88 26.59
C VAL A 217 -25.35 -3.97 27.23
N ALA A 218 -24.86 -5.20 27.18
CA ALA A 218 -25.56 -6.32 27.81
C ALA A 218 -24.87 -6.70 29.11
N THR A 219 -25.65 -6.68 30.20
CA THR A 219 -25.17 -7.03 31.55
C THR A 219 -26.28 -7.76 32.31
N PRO A 220 -25.89 -8.61 33.28
CA PRO A 220 -26.87 -9.24 34.15
C PRO A 220 -27.56 -8.23 35.07
N ARG A 221 -28.76 -8.56 35.55
CA ARG A 221 -29.44 -7.75 36.57
C ARG A 221 -28.54 -7.61 37.81
N GLY A 222 -28.22 -6.36 38.16
CA GLY A 222 -27.38 -6.05 39.33
C GLY A 222 -26.00 -5.50 38.98
N TYR A 223 -25.65 -5.56 37.70
CA TYR A 223 -24.30 -5.23 37.21
C TYR A 223 -24.32 -4.17 36.10
N GLU A 224 -25.26 -3.26 36.22
CA GLU A 224 -25.51 -2.22 35.24
C GLU A 224 -24.58 -1.00 35.38
N ILE A 225 -24.54 -0.18 34.35
CA ILE A 225 -23.83 1.09 34.41
C ILE A 225 -24.41 1.94 35.53
N PRO A 226 -23.57 2.42 36.45
CA PRO A 226 -23.98 3.38 37.48
C PRO A 226 -24.55 4.67 36.86
N SER A 227 -25.62 5.20 37.44
CA SER A 227 -26.32 6.34 36.84
C SER A 227 -25.50 7.65 36.81
N HIS A 228 -24.51 7.77 37.69
CA HIS A 228 -23.55 8.86 37.53
C HIS A 228 -22.80 8.75 36.18
N ILE A 229 -22.53 7.53 35.72
CA ILE A 229 -21.85 7.35 34.44
C ILE A 229 -22.78 7.70 33.28
N VAL A 230 -24.01 7.21 33.34
CA VAL A 230 -25.02 7.55 32.34
C VAL A 230 -25.16 9.07 32.20
N GLU A 231 -25.03 9.78 33.31
CA GLU A 231 -25.04 11.25 33.33
C GLU A 231 -23.88 11.91 32.56
N LEU A 232 -22.68 11.34 32.65
CA LEU A 232 -21.52 11.86 31.92
C LEU A 232 -21.60 11.57 30.41
N ILE A 233 -22.20 10.42 30.06
CA ILE A 233 -22.39 10.06 28.67
C ILE A 233 -23.34 11.05 28.02
N GLN A 234 -24.44 11.32 28.72
CA GLN A 234 -25.45 12.23 28.25
C GLN A 234 -24.85 13.64 28.10
N LYS A 235 -24.08 14.11 29.08
CA LYS A 235 -23.43 15.44 28.99
C LYS A 235 -22.43 15.55 27.85
N ALA A 236 -21.77 14.42 27.53
CA ALA A 236 -20.88 14.31 26.38
C ALA A 236 -21.60 14.50 25.04
N ARG A 237 -22.92 14.32 25.02
CA ARG A 237 -23.71 14.56 23.80
C ARG A 237 -23.68 16.00 23.32
N GLU A 238 -23.66 16.94 24.27
CA GLU A 238 -23.72 18.39 24.01
C GLU A 238 -22.69 18.94 22.97
N GLY A 239 -23.22 19.64 21.96
CA GLY A 239 -22.37 20.24 20.92
C GLY A 239 -21.85 19.35 19.78
N VAL A 240 -22.26 18.08 19.73
CA VAL A 240 -21.89 17.18 18.63
C VAL A 240 -23.08 17.01 17.68
N GLN A 241 -22.89 17.23 16.37
CA GLN A 241 -24.04 17.17 15.44
C GLN A 241 -24.63 15.76 15.21
N SER A 242 -23.81 14.70 15.31
CA SER A 242 -24.37 13.33 15.26
C SER A 242 -23.85 12.37 16.37
N PRO A 243 -24.24 12.61 17.64
CA PRO A 243 -23.63 11.83 18.75
C PRO A 243 -23.94 10.32 18.72
N GLY A 244 -23.08 9.52 19.33
CA GLY A 244 -23.34 8.09 19.47
C GLY A 244 -24.43 7.73 20.47
N ASN A 245 -25.29 6.78 20.10
CA ASN A 245 -26.46 6.43 20.92
C ASN A 245 -26.21 5.29 21.91
N LEU A 246 -26.82 5.35 23.09
CA LEU A 246 -26.70 4.29 24.11
C LEU A 246 -27.90 3.34 24.25
N THR A 247 -27.60 2.04 24.28
CA THR A 247 -28.61 0.98 24.45
C THR A 247 -28.24 0.08 25.64
N GLN A 248 -29.22 -0.16 26.51
CA GLN A 248 -29.06 -0.96 27.73
C GLN A 248 -29.94 -2.21 27.72
N THR A 249 -29.33 -3.39 27.87
CA THR A 249 -30.11 -4.67 27.81
C THR A 249 -29.64 -5.70 28.84
N THR A 250 -30.48 -6.70 29.09
CA THR A 250 -30.17 -7.84 29.97
C THR A 250 -29.89 -9.11 29.13
N VAL A 251 -30.30 -9.07 27.86
CA VAL A 251 -30.15 -10.19 26.93
C VAL A 251 -29.00 -9.94 25.95
N PRO A 252 -27.99 -10.84 25.92
CA PRO A 252 -26.82 -10.73 25.03
C PRO A 252 -27.17 -10.75 23.54
N GLU A 253 -28.03 -11.68 23.13
CA GLU A 253 -28.49 -11.80 21.74
C GLU A 253 -29.09 -10.47 21.18
N VAL A 254 -29.56 -9.59 22.07
CA VAL A 254 -30.12 -8.31 21.66
C VAL A 254 -29.01 -7.32 21.35
N ALA A 255 -28.01 -7.27 22.21
CA ALA A 255 -26.89 -6.34 22.03
C ALA A 255 -26.15 -6.58 20.72
N VAL A 256 -25.84 -7.83 20.41
CA VAL A 256 -24.97 -8.16 19.27
C VAL A 256 -25.56 -7.83 17.89
N LYS A 257 -26.86 -7.54 17.85
CA LYS A 257 -27.57 -7.26 16.59
C LYS A 257 -26.86 -6.16 15.79
N ASP A 258 -26.43 -6.52 14.57
CA ASP A 258 -25.80 -5.57 13.64
C ASP A 258 -24.52 -4.89 14.17
N ALA A 259 -23.80 -5.60 15.04
CA ALA A 259 -22.61 -5.05 15.68
C ALA A 259 -21.40 -5.18 14.79
N ASP A 260 -20.56 -4.14 14.77
CA ASP A 260 -19.36 -4.18 13.94
C ASP A 260 -18.21 -4.79 14.75
N VAL A 261 -18.27 -4.57 16.05
CA VAL A 261 -17.24 -5.04 16.98
C VAL A 261 -17.92 -5.63 18.20
N ILE A 262 -17.35 -6.71 18.73
CA ILE A 262 -17.81 -7.24 20.03
C ILE A 262 -16.68 -7.19 21.08
N VAL A 263 -17.00 -6.59 22.23
CA VAL A 263 -16.04 -6.43 23.33
C VAL A 263 -16.51 -7.11 24.62
N THR A 264 -15.56 -7.73 25.33
CA THR A 264 -15.78 -8.15 26.69
C THR A 264 -14.56 -7.83 27.61
N ASP A 265 -14.62 -8.31 28.85
CA ASP A 265 -13.61 -8.07 29.87
C ASP A 265 -13.73 -9.14 30.96
N THR A 266 -12.62 -9.41 31.64
CA THR A 266 -12.62 -10.19 32.89
C THR A 266 -13.82 -9.86 33.80
N TRP A 267 -14.41 -10.88 34.41
CA TRP A 267 -15.51 -10.63 35.36
C TRP A 267 -14.93 -10.19 36.71
N LYS A 276 -17.02 -13.95 44.23
CA LYS A 276 -16.72 -14.95 43.22
C LYS A 276 -17.87 -15.94 43.01
N ILE A 277 -18.25 -16.64 44.09
CA ILE A 277 -19.32 -17.65 44.01
C ILE A 277 -20.63 -17.08 43.46
N LYS A 278 -21.02 -15.90 43.97
CA LYS A 278 -22.22 -15.21 43.51
C LYS A 278 -22.17 -14.97 41.99
N ARG A 279 -21.02 -14.48 41.51
CA ARG A 279 -20.84 -14.09 40.10
C ARG A 279 -20.91 -15.22 39.05
N LEU A 280 -20.28 -16.36 39.34
CA LEU A 280 -20.13 -17.43 38.34
C LEU A 280 -21.48 -17.97 37.79
N GLU A 281 -22.49 -18.07 38.66
CA GLU A 281 -23.85 -18.48 38.26
C GLU A 281 -24.58 -17.40 37.44
N ALA A 282 -24.34 -16.14 37.79
CA ALA A 282 -25.02 -14.96 37.18
C ALA A 282 -24.68 -14.67 35.70
N PHE A 283 -23.42 -14.88 35.31
CA PHE A 283 -22.93 -14.62 33.95
C PHE A 283 -23.07 -15.83 32.95
N LYS A 284 -23.99 -16.76 33.27
CA LYS A 284 -24.18 -18.04 32.54
C LYS A 284 -24.11 -17.92 31.03
N ASP A 285 -24.97 -17.09 30.44
CA ASP A 285 -25.06 -17.00 28.98
C ASP A 285 -24.18 -15.89 28.40
N PHE A 286 -23.36 -15.27 29.25
CA PHE A 286 -22.56 -14.10 28.85
C PHE A 286 -21.23 -14.37 28.11
N LYS A 287 -20.83 -15.64 27.99
CA LYS A 287 -19.60 -16.03 27.28
C LYS A 287 -19.67 -15.76 25.78
N VAL A 288 -18.77 -14.91 25.28
CA VAL A 288 -18.68 -14.61 23.84
C VAL A 288 -18.24 -15.84 23.03
N THR A 289 -19.10 -16.25 22.08
CA THR A 289 -18.86 -17.43 21.22
C THR A 289 -19.26 -17.21 19.77
N SER A 290 -18.72 -18.04 18.87
CA SER A 290 -19.16 -18.06 17.48
C SER A 290 -20.69 -18.19 17.39
N GLU A 291 -21.24 -19.14 18.16
CA GLU A 291 -22.69 -19.41 18.18
C GLU A 291 -23.54 -18.20 18.64
N LEU A 292 -23.00 -17.36 19.53
CA LEU A 292 -23.69 -16.11 19.92
C LEU A 292 -23.81 -15.09 18.78
N ALA A 293 -22.75 -14.92 17.99
CA ALA A 293 -22.77 -13.95 16.89
C ALA A 293 -23.83 -14.28 15.84
N LYS A 294 -23.81 -15.51 15.32
CA LYS A 294 -24.79 -15.96 14.30
C LYS A 294 -26.23 -15.90 14.82
N ARG A 295 -26.43 -16.41 16.04
CA ARG A 295 -27.74 -16.46 16.71
C ARG A 295 -28.38 -15.07 16.93
N GLY A 296 -27.58 -14.10 17.41
CA GLY A 296 -28.06 -12.72 17.60
C GLY A 296 -28.07 -11.87 16.34
N GLY A 297 -27.33 -12.28 15.32
CA GLY A 297 -27.34 -11.61 14.00
C GLY A 297 -26.33 -10.51 13.77
N ALA A 298 -25.13 -10.66 14.34
CA ALA A 298 -24.05 -9.67 14.14
C ALA A 298 -23.61 -9.66 12.68
N LYS A 299 -22.88 -8.62 12.28
CA LYS A 299 -22.35 -8.51 10.90
C LYS A 299 -21.48 -9.71 10.53
N GLU A 300 -21.41 -9.98 9.23
CA GLU A 300 -20.64 -11.11 8.73
C GLU A 300 -19.17 -11.01 9.17
N ASN A 301 -18.59 -9.81 9.11
CA ASN A 301 -17.17 -9.65 9.43
C ASN A 301 -16.88 -8.98 10.78
N TRP A 302 -17.67 -9.31 11.81
CA TRP A 302 -17.48 -8.71 13.13
C TRP A 302 -16.11 -9.03 13.72
N LYS A 303 -15.56 -8.08 14.47
CA LYS A 303 -14.21 -8.19 15.03
C LYS A 303 -14.28 -8.28 16.55
N PHE A 304 -13.26 -8.85 17.17
CA PHE A 304 -13.25 -9.05 18.61
C PHE A 304 -12.17 -8.25 19.35
N MET A 305 -12.53 -7.72 20.52
CA MET A 305 -11.66 -6.89 21.38
C MET A 305 -11.83 -7.20 22.89
N HIS A 306 -10.70 -7.27 23.59
CA HIS A 306 -10.59 -7.56 25.03
C HIS A 306 -9.28 -6.90 25.47
N CYS A 307 -9.27 -6.17 26.58
CA CYS A 307 -8.06 -5.41 26.93
C CYS A 307 -6.97 -6.15 27.73
N LEU A 308 -7.16 -7.44 27.99
CA LEU A 308 -6.13 -8.29 28.66
C LEU A 308 -5.86 -7.92 30.13
N PRO A 309 -5.45 -8.91 30.96
CA PRO A 309 -5.32 -10.33 30.63
C PRO A 309 -6.69 -10.96 30.43
N ARG A 310 -6.70 -12.06 29.67
CA ARG A 310 -7.91 -12.80 29.36
C ARG A 310 -7.96 -14.07 30.21
N HIS A 311 -9.13 -14.38 30.78
CA HIS A 311 -9.39 -15.70 31.36
C HIS A 311 -10.41 -16.43 30.48
N PRO A 312 -10.50 -17.78 30.62
CA PRO A 312 -11.31 -18.63 29.70
C PRO A 312 -12.82 -18.59 29.91
N GLU A 313 -13.28 -17.78 30.85
CA GLU A 313 -14.69 -17.70 31.14
C GLU A 313 -15.41 -16.73 30.20
N GLU A 314 -14.79 -15.58 29.88
CA GLU A 314 -15.43 -14.52 29.08
C GLU A 314 -15.56 -14.80 27.59
N VAL A 315 -14.60 -15.56 27.05
CA VAL A 315 -14.56 -15.75 25.61
C VAL A 315 -13.95 -17.09 25.25
N SER A 316 -14.39 -17.66 24.14
CA SER A 316 -13.91 -18.98 23.67
C SER A 316 -12.56 -18.89 22.97
N ASP A 317 -11.79 -19.98 23.05
CA ASP A 317 -10.49 -20.09 22.40
C ASP A 317 -10.58 -19.88 20.90
N GLU A 318 -11.62 -20.49 20.30
CA GLU A 318 -11.91 -20.37 18.89
C GLU A 318 -12.02 -18.89 18.47
N VAL A 319 -12.74 -18.08 19.25
CA VAL A 319 -12.90 -16.65 18.95
C VAL A 319 -11.61 -15.88 19.18
N PHE A 320 -11.00 -16.10 20.35
CA PHE A 320 -9.82 -15.34 20.79
C PHE A 320 -8.70 -15.38 19.77
N TYR A 321 -8.49 -16.54 19.16
CA TYR A 321 -7.36 -16.77 18.27
C TYR A 321 -7.70 -16.73 16.78
N SER A 322 -8.96 -16.45 16.44
CA SER A 322 -9.34 -16.29 15.03
C SER A 322 -8.74 -15.02 14.39
N GLU A 323 -8.88 -14.92 13.07
CA GLU A 323 -8.51 -13.73 12.33
C GLU A 323 -9.44 -12.55 12.66
N ARG A 324 -10.51 -12.82 13.40
CA ARG A 324 -11.42 -11.80 13.90
C ARG A 324 -10.86 -10.96 15.06
N SER A 325 -9.75 -11.41 15.65
CA SER A 325 -9.33 -10.90 16.94
C SER A 325 -8.23 -9.87 16.86
N LEU A 326 -8.54 -8.65 17.31
CA LEU A 326 -7.62 -7.52 17.26
C LEU A 326 -6.85 -7.33 18.59
N VAL A 327 -6.95 -8.35 19.44
CA VAL A 327 -6.39 -8.42 20.78
C VAL A 327 -4.90 -7.97 20.94
N PHE A 328 -4.00 -8.53 20.13
CA PHE A 328 -2.56 -8.19 20.25
C PHE A 328 -2.21 -6.79 19.69
N PRO A 329 -2.71 -6.45 18.49
CA PRO A 329 -2.52 -5.05 18.10
C PRO A 329 -3.05 -4.05 19.15
N GLU A 330 -4.22 -4.35 19.74
CA GLU A 330 -4.84 -3.52 20.78
C GLU A 330 -3.93 -3.37 22.00
N ALA A 331 -3.26 -4.47 22.38
CA ALA A 331 -2.31 -4.46 23.49
C ALA A 331 -1.09 -3.56 23.21
N GLU A 332 -0.50 -3.70 22.02
CA GLU A 332 0.62 -2.86 21.56
C GLU A 332 0.25 -1.37 21.40
N ASN A 333 -0.99 -1.08 21.01
CA ASN A 333 -1.41 0.31 20.87
C ASN A 333 -1.39 1.11 22.20
N ARG A 334 -1.14 0.43 23.33
CA ARG A 334 -0.95 1.12 24.60
C ARG A 334 0.33 1.97 24.56
N LEU A 335 1.37 1.41 23.92
CA LEU A 335 2.64 2.09 23.82
C LEU A 335 2.45 3.40 23.08
N TRP A 336 1.79 3.33 21.92
CA TRP A 336 1.58 4.49 21.04
C TRP A 336 0.66 5.53 21.69
N ALA A 337 -0.35 5.07 22.43
CA ALA A 337 -1.25 5.97 23.15
C ALA A 337 -0.56 6.73 24.31
N ALA A 338 0.33 6.06 25.04
CA ALA A 338 1.11 6.74 26.09
C ALA A 338 2.03 7.85 25.55
N ILE A 339 2.66 7.61 24.40
CA ILE A 339 3.56 8.61 23.81
C ILE A 339 2.75 9.87 23.50
N SER A 340 1.59 9.66 22.88
CA SER A 340 0.71 10.75 22.48
C SER A 340 0.25 11.55 23.70
N ALA A 341 -0.18 10.84 24.74
CA ALA A 341 -0.73 11.48 25.92
C ALA A 341 0.30 12.24 26.73
N LEU A 342 1.48 11.64 26.91
CA LEU A 342 2.57 12.30 27.62
C LEU A 342 3.09 13.51 26.85
N GLU A 343 3.21 13.42 25.52
CA GLU A 343 3.58 14.61 24.74
C GLU A 343 2.59 15.76 24.98
N ALA A 344 1.30 15.43 24.98
CA ALA A 344 0.24 16.42 25.07
C ALA A 344 0.20 17.11 26.44
N PHE A 345 0.30 16.31 27.50
CA PHE A 345 0.08 16.82 28.85
C PHE A 345 1.34 17.33 29.52
N VAL A 346 2.49 16.70 29.23
CA VAL A 346 3.75 17.08 29.86
C VAL A 346 4.57 18.08 29.01
N VAL A 347 4.84 17.72 27.75
CA VAL A 347 5.65 18.57 26.89
C VAL A 347 4.87 19.78 26.41
N ASN A 348 3.66 19.59 25.91
CA ASN A 348 2.85 20.71 25.41
C ASN A 348 2.02 21.38 26.50
N LYS A 349 2.36 21.04 27.74
CA LYS A 349 1.69 21.58 28.93
C LYS A 349 0.16 21.69 28.73
N GLY A 350 -0.43 20.71 28.04
CA GLY A 350 -1.88 20.68 27.90
C GLY A 350 -2.50 21.33 26.66
N LYS A 351 -1.71 22.02 25.85
CA LYS A 351 -2.20 22.56 24.57
C LYS A 351 -2.09 21.48 23.48
N ILE A 352 -3.21 20.80 23.21
CA ILE A 352 -3.25 19.66 22.30
C ILE A 352 -3.33 20.12 20.85
N ALA A 353 -2.42 19.58 20.04
CA ALA A 353 -2.18 20.00 18.65
C ALA A 353 -1.48 18.87 17.87
N SER B 21 -40.25 -8.43 -6.21
CA SER B 21 -40.77 -9.57 -7.02
C SER B 21 -40.35 -9.51 -8.49
N THR B 22 -39.45 -8.57 -8.81
CA THR B 22 -38.75 -8.56 -10.11
C THR B 22 -37.73 -9.72 -10.10
N PRO B 23 -37.30 -10.22 -11.30
CA PRO B 23 -36.32 -11.32 -11.35
C PRO B 23 -34.87 -10.87 -11.10
N ARG B 24 -34.06 -11.75 -10.54
CA ARG B 24 -32.63 -11.46 -10.27
C ARG B 24 -31.71 -11.97 -11.39
N HIS B 25 -30.90 -11.06 -11.94
CA HIS B 25 -29.96 -11.36 -13.03
C HIS B 25 -28.53 -11.63 -12.53
N LEU B 26 -27.69 -12.21 -13.39
CA LEU B 26 -26.27 -12.35 -13.07
C LEU B 26 -25.36 -11.68 -14.12
N LEU B 27 -24.94 -10.45 -13.86
CA LEU B 27 -24.16 -9.68 -14.83
C LEU B 27 -22.66 -9.56 -14.51
N SER B 28 -22.24 -9.99 -13.32
CA SER B 28 -20.87 -9.81 -12.80
C SER B 28 -20.66 -10.44 -11.40
N ILE B 29 -19.46 -10.90 -11.10
CA ILE B 29 -19.18 -11.41 -9.76
C ILE B 29 -19.48 -10.35 -8.66
N ALA B 30 -19.64 -9.08 -9.05
CA ALA B 30 -19.95 -8.00 -8.10
C ALA B 30 -21.33 -8.13 -7.46
N ASP B 31 -22.22 -8.87 -8.13
CA ASP B 31 -23.60 -9.10 -7.67
C ASP B 31 -23.72 -10.09 -6.49
N LEU B 32 -22.62 -10.78 -6.14
CA LEU B 32 -22.68 -11.90 -5.21
C LEU B 32 -21.95 -11.64 -3.89
N THR B 33 -22.55 -12.10 -2.80
CA THR B 33 -21.90 -12.11 -1.49
C THR B 33 -20.82 -13.18 -1.54
N PRO B 34 -19.83 -13.12 -0.61
CA PRO B 34 -18.82 -14.17 -0.53
C PRO B 34 -19.42 -15.55 -0.28
N THR B 35 -20.40 -15.66 0.62
CA THR B 35 -21.13 -16.91 0.86
C THR B 35 -21.77 -17.48 -0.44
N GLU B 36 -22.49 -16.63 -1.19
CA GLU B 36 -23.08 -17.01 -2.47
C GLU B 36 -22.04 -17.52 -3.48
N PHE B 37 -20.87 -16.85 -3.55
CA PHE B 37 -19.83 -17.31 -4.50
C PHE B 37 -19.25 -18.69 -4.13
N ALA B 38 -18.88 -18.87 -2.86
CA ALA B 38 -18.31 -20.15 -2.43
C ALA B 38 -19.35 -21.27 -2.57
N THR B 39 -20.62 -20.94 -2.34
CA THR B 39 -21.70 -21.92 -2.55
C THR B 39 -21.82 -22.35 -4.02
N LEU B 40 -21.61 -21.42 -4.96
CA LEU B 40 -21.76 -21.75 -6.40
C LEU B 40 -20.67 -22.74 -6.83
N VAL B 41 -19.43 -22.45 -6.43
CA VAL B 41 -18.29 -23.33 -6.64
C VAL B 41 -18.48 -24.72 -5.97
N ARG B 42 -18.90 -24.73 -4.72
CA ARG B 42 -19.06 -25.98 -4.01
C ARG B 42 -20.07 -26.91 -4.72
N ASN B 43 -21.19 -26.34 -5.16
CA ASN B 43 -22.22 -27.11 -5.87
C ASN B 43 -21.72 -27.67 -7.21
N ALA B 44 -21.00 -26.84 -7.99
CA ALA B 44 -20.37 -27.31 -9.22
C ALA B 44 -19.42 -28.50 -9.00
N SER B 45 -18.58 -28.44 -7.97
CA SER B 45 -17.67 -29.53 -7.68
C SER B 45 -18.45 -30.78 -7.25
N SER B 46 -19.46 -30.59 -6.41
CA SER B 46 -20.26 -31.70 -6.01
C SER B 46 -20.92 -32.38 -7.23
N TYR B 47 -21.57 -31.60 -8.10
CA TYR B 47 -22.22 -32.17 -9.31
C TYR B 47 -21.23 -32.89 -10.24
N LYS B 48 -20.03 -32.34 -10.38
CA LYS B 48 -19.02 -32.93 -11.24
C LYS B 48 -18.59 -34.34 -10.78
N LYS B 49 -18.18 -34.49 -9.52
CA LYS B 49 -17.83 -35.83 -9.03
C LYS B 49 -18.97 -36.82 -9.22
N THR B 50 -20.20 -36.33 -9.06
CA THR B 50 -21.38 -37.20 -9.16
C THR B 50 -21.67 -37.72 -10.58
N ILE B 51 -21.90 -36.80 -11.52
CA ILE B 51 -22.15 -37.11 -12.92
C ILE B 51 -21.01 -37.92 -13.57
N LYS B 52 -19.76 -37.61 -13.23
CA LYS B 52 -18.62 -38.32 -13.82
C LYS B 52 -18.47 -39.77 -13.39
N SER B 53 -19.01 -40.11 -12.22
CA SER B 53 -19.00 -41.50 -11.75
C SER B 53 -20.36 -42.11 -11.99
N ASP B 54 -21.06 -41.56 -12.98
CA ASP B 54 -22.17 -42.25 -13.61
C ASP B 54 -23.50 -42.21 -12.83
N SER B 55 -23.79 -41.06 -12.22
CA SER B 55 -24.98 -40.91 -11.37
C SER B 55 -25.61 -39.53 -11.62
N MET B 56 -26.86 -39.33 -11.19
CA MET B 56 -27.53 -38.01 -11.29
C MET B 56 -27.90 -37.49 -9.93
N PRO B 57 -27.52 -36.24 -9.62
CA PRO B 57 -28.00 -35.62 -8.38
C PRO B 57 -29.53 -35.44 -8.40
N GLU B 58 -30.21 -35.78 -7.32
CA GLU B 58 -31.67 -35.67 -7.27
C GLU B 58 -32.22 -34.24 -7.53
N ARG B 59 -31.48 -33.22 -7.07
CA ARG B 59 -31.87 -31.81 -7.29
C ARG B 59 -31.96 -31.41 -8.76
N LEU B 60 -31.19 -32.09 -9.62
CA LEU B 60 -31.06 -31.70 -11.04
C LEU B 60 -31.92 -32.50 -12.03
N THR B 61 -32.48 -33.64 -11.64
CA THR B 61 -33.23 -34.46 -12.58
C THR B 61 -34.62 -33.90 -12.99
N GLY B 62 -34.73 -33.50 -14.26
CA GLY B 62 -35.99 -33.06 -14.81
C GLY B 62 -36.28 -31.62 -14.48
N ALA B 63 -35.35 -30.99 -13.76
CA ALA B 63 -35.58 -29.68 -13.21
C ALA B 63 -36.01 -28.60 -14.24
N LEU B 64 -35.62 -28.76 -15.50
CA LEU B 64 -35.95 -27.75 -16.51
C LEU B 64 -36.85 -28.29 -17.60
N SER B 65 -37.52 -29.41 -17.34
CA SER B 65 -38.15 -30.17 -18.41
C SER B 65 -39.38 -29.44 -18.92
N GLY B 66 -39.56 -29.43 -20.23
CA GLY B 66 -40.59 -28.60 -20.85
C GLY B 66 -40.28 -27.10 -20.87
N LYS B 67 -39.12 -26.69 -20.36
CA LYS B 67 -38.70 -25.28 -20.38
C LYS B 67 -37.65 -25.03 -21.45
N THR B 68 -37.65 -23.81 -22.01
CA THR B 68 -36.66 -23.37 -23.01
C THR B 68 -35.73 -22.29 -22.45
N VAL B 69 -34.44 -22.41 -22.75
CA VAL B 69 -33.46 -21.37 -22.48
C VAL B 69 -32.97 -20.73 -23.79
N ALA B 70 -33.11 -19.40 -23.90
CA ALA B 70 -32.71 -18.71 -25.16
C ALA B 70 -31.26 -18.27 -25.11
N MET B 71 -30.48 -18.67 -26.11
CA MET B 71 -29.11 -18.18 -26.24
C MET B 71 -29.05 -17.07 -27.31
N MET B 72 -28.80 -15.83 -26.85
CA MET B 72 -28.67 -14.68 -27.72
C MET B 72 -27.22 -14.18 -27.84
N PHE B 73 -26.56 -14.49 -28.96
CA PHE B 73 -25.16 -14.10 -29.15
C PHE B 73 -24.99 -13.19 -30.36
N SER B 74 -24.25 -12.10 -30.22
CA SER B 74 -24.03 -11.15 -31.33
C SER B 74 -22.79 -11.46 -32.20
N LYS B 75 -21.76 -12.01 -31.58
CA LYS B 75 -20.56 -12.46 -32.28
C LYS B 75 -20.46 -13.99 -32.11
N ARG B 76 -19.86 -14.70 -33.08
CA ARG B 76 -19.67 -16.16 -32.97
C ARG B 76 -19.01 -16.50 -31.63
N SER B 77 -19.56 -17.49 -30.92
CA SER B 77 -19.03 -17.93 -29.64
C SER B 77 -19.26 -19.43 -29.46
N THR B 78 -18.57 -20.23 -30.26
CA THR B 78 -18.83 -21.66 -30.26
C THR B 78 -18.52 -22.34 -28.93
N ARG B 79 -17.41 -21.96 -28.31
CA ARG B 79 -16.98 -22.57 -27.05
C ARG B 79 -18.01 -22.31 -25.92
N THR B 80 -18.62 -21.13 -25.94
CA THR B 80 -19.61 -20.77 -24.96
C THR B 80 -20.85 -21.62 -25.15
N ARG B 81 -21.16 -21.91 -26.40
CA ARG B 81 -22.28 -22.76 -26.79
C ARG B 81 -22.15 -24.19 -26.40
N VAL B 82 -20.97 -24.75 -26.48
CA VAL B 82 -20.78 -26.15 -26.12
C VAL B 82 -21.09 -26.38 -24.63
N SER B 83 -20.57 -25.51 -23.77
CA SER B 83 -20.85 -25.60 -22.33
C SER B 83 -22.29 -25.30 -21.98
N THR B 84 -22.88 -24.26 -22.57
CA THR B 84 -24.25 -23.87 -22.22
C THR B 84 -25.29 -24.91 -22.71
N GLU B 85 -25.23 -25.23 -24.00
CA GLU B 85 -26.03 -26.31 -24.55
C GLU B 85 -25.97 -27.58 -23.65
N GLY B 86 -24.76 -28.04 -23.34
CA GLY B 86 -24.58 -29.21 -22.46
C GLY B 86 -25.23 -29.10 -21.08
N ALA B 87 -25.15 -27.91 -20.48
CA ALA B 87 -25.58 -27.77 -19.12
C ALA B 87 -27.09 -27.80 -19.03
N VAL B 88 -27.74 -27.09 -19.96
CA VAL B 88 -29.20 -27.08 -20.06
C VAL B 88 -29.77 -28.51 -20.24
N VAL B 89 -29.11 -29.31 -21.06
CA VAL B 89 -29.63 -30.64 -21.39
C VAL B 89 -29.51 -31.61 -20.20
N LYS B 90 -28.50 -31.41 -19.34
CA LYS B 90 -28.36 -32.21 -18.10
C LYS B 90 -29.61 -32.14 -17.20
N MET B 91 -30.21 -30.95 -17.11
CA MET B 91 -31.42 -30.73 -16.34
C MET B 91 -32.71 -30.99 -17.13
N GLY B 92 -32.56 -31.47 -18.37
CA GLY B 92 -33.69 -31.76 -19.24
C GLY B 92 -34.38 -30.58 -19.93
N GLY B 93 -33.68 -29.45 -20.12
CA GLY B 93 -34.24 -28.32 -20.86
C GLY B 93 -33.86 -28.26 -22.33
N HIS B 94 -34.37 -27.25 -23.02
CA HIS B 94 -34.04 -27.04 -24.44
C HIS B 94 -33.26 -25.72 -24.68
N PRO B 95 -32.06 -25.82 -25.24
CA PRO B 95 -31.31 -24.62 -25.58
C PRO B 95 -31.64 -24.14 -26.98
N MET B 96 -32.06 -22.89 -27.11
CA MET B 96 -32.45 -22.33 -28.40
C MET B 96 -31.41 -21.31 -28.86
N PHE B 97 -30.79 -21.58 -29.98
CA PHE B 97 -29.70 -20.74 -30.45
C PHE B 97 -30.19 -19.65 -31.37
N LEU B 98 -29.91 -18.41 -30.98
CA LEU B 98 -30.27 -17.25 -31.77
C LEU B 98 -29.04 -16.33 -31.93
N GLY B 99 -28.58 -16.13 -33.17
CA GLY B 99 -27.32 -15.42 -33.43
C GLY B 99 -27.28 -14.30 -34.47
N LYS B 100 -26.10 -13.71 -34.63
CA LYS B 100 -25.94 -12.48 -35.43
C LYS B 100 -26.90 -12.30 -36.61
N ASP B 101 -27.15 -13.38 -37.35
CA ASP B 101 -28.03 -13.32 -38.54
C ASP B 101 -29.50 -13.64 -38.23
N ASP B 102 -29.77 -14.24 -37.07
CA ASP B 102 -31.14 -14.54 -36.63
C ASP B 102 -31.89 -13.29 -36.17
N ILE B 103 -31.22 -12.46 -35.37
CA ILE B 103 -31.81 -11.24 -34.84
C ILE B 103 -30.80 -10.08 -34.79
N GLN B 104 -31.18 -8.95 -35.37
CA GLN B 104 -30.36 -7.75 -35.33
C GLN B 104 -30.93 -6.83 -34.26
N LEU B 105 -30.45 -6.99 -33.03
CA LEU B 105 -31.06 -6.38 -31.82
C LEU B 105 -31.17 -4.85 -31.86
N GLY B 106 -32.41 -4.36 -31.77
CA GLY B 106 -32.70 -2.93 -31.81
C GLY B 106 -32.86 -2.38 -33.22
N VAL B 107 -32.43 -3.14 -34.22
CA VAL B 107 -32.29 -2.63 -35.60
C VAL B 107 -33.58 -2.56 -36.42
N ASN B 108 -34.36 -3.64 -36.49
CA ASN B 108 -35.60 -3.66 -37.32
C ASN B 108 -36.88 -3.68 -36.46
N GLU B 109 -36.69 -3.41 -35.18
CA GLU B 109 -37.72 -3.31 -34.14
C GLU B 109 -37.08 -2.83 -32.84
N SER B 110 -37.84 -2.03 -32.09
CA SER B 110 -37.42 -1.51 -30.79
C SER B 110 -36.85 -2.57 -29.84
N LEU B 111 -35.71 -2.28 -29.22
CA LEU B 111 -35.09 -3.22 -28.26
C LEU B 111 -36.01 -3.53 -27.07
N TYR B 112 -36.83 -2.56 -26.69
CA TYR B 112 -37.77 -2.71 -25.57
C TYR B 112 -38.81 -3.76 -25.93
N ASP B 113 -39.28 -3.69 -27.18
CA ASP B 113 -40.30 -4.56 -27.67
C ASP B 113 -39.77 -6.00 -27.67
N THR B 114 -38.59 -6.19 -28.23
CA THR B 114 -37.97 -7.48 -28.32
C THR B 114 -37.84 -8.16 -26.95
N SER B 115 -37.34 -7.42 -25.97
CA SER B 115 -37.08 -7.99 -24.65
C SER B 115 -38.33 -8.49 -23.96
N VAL B 116 -39.39 -7.68 -23.95
CA VAL B 116 -40.67 -8.06 -23.36
C VAL B 116 -41.23 -9.33 -24.01
N VAL B 117 -41.17 -9.38 -25.34
CA VAL B 117 -41.75 -10.47 -26.13
C VAL B 117 -40.97 -11.77 -25.92
N ILE B 118 -39.66 -11.74 -26.19
CA ILE B 118 -38.87 -12.94 -26.02
C ILE B 118 -38.93 -13.50 -24.60
N SER B 119 -38.87 -12.65 -23.58
CA SER B 119 -38.94 -13.14 -22.20
C SER B 119 -40.25 -13.86 -21.91
N SER B 120 -41.34 -13.39 -22.54
CA SER B 120 -42.67 -13.87 -22.22
C SER B 120 -42.98 -15.29 -22.70
N MET B 121 -42.09 -15.86 -23.52
CA MET B 121 -42.21 -17.22 -24.04
C MET B 121 -41.01 -18.17 -23.75
N VAL B 122 -40.06 -17.76 -22.89
CA VAL B 122 -38.94 -18.63 -22.47
C VAL B 122 -38.72 -18.59 -20.96
N SER B 123 -37.79 -19.40 -20.45
CA SER B 123 -37.52 -19.41 -19.00
C SER B 123 -36.28 -18.64 -18.53
N CYS B 124 -35.40 -18.27 -19.46
CA CYS B 124 -34.15 -17.59 -19.14
C CYS B 124 -33.52 -17.11 -20.45
N ILE B 125 -32.75 -16.02 -20.38
CA ILE B 125 -31.93 -15.60 -21.51
C ILE B 125 -30.44 -15.62 -21.06
N VAL B 126 -29.61 -16.37 -21.81
CA VAL B 126 -28.15 -16.28 -21.68
C VAL B 126 -27.67 -15.42 -22.84
N ALA B 127 -27.06 -14.27 -22.56
CA ALA B 127 -26.75 -13.33 -23.65
C ALA B 127 -25.29 -12.90 -23.75
N ARG B 128 -24.86 -12.68 -25.00
CA ARG B 128 -23.61 -11.96 -25.31
C ARG B 128 -23.88 -10.87 -26.33
N VAL B 129 -23.65 -9.61 -25.95
CA VAL B 129 -23.99 -8.46 -26.81
C VAL B 129 -22.87 -7.40 -26.90
N HIS B 132 -20.80 -3.19 -22.58
CA HIS B 132 -21.66 -3.62 -21.48
C HIS B 132 -23.03 -2.91 -21.42
N SER B 133 -23.09 -1.66 -21.90
CA SER B 133 -24.33 -0.87 -21.84
C SER B 133 -25.56 -1.67 -22.32
N ASP B 134 -25.38 -2.41 -23.42
CA ASP B 134 -26.46 -3.16 -24.09
C ASP B 134 -27.19 -4.21 -23.22
N ILE B 135 -26.44 -5.04 -22.51
CA ILE B 135 -27.05 -6.09 -21.68
C ILE B 135 -27.91 -5.56 -20.52
N ALA B 136 -27.48 -4.48 -19.90
CA ALA B 136 -28.26 -3.80 -18.87
C ALA B 136 -29.67 -3.45 -19.35
N ASN B 137 -29.77 -2.77 -20.51
CA ASN B 137 -31.07 -2.39 -21.06
C ASN B 137 -31.96 -3.60 -21.41
N LEU B 138 -31.34 -4.71 -21.79
CA LEU B 138 -32.02 -5.98 -22.08
C LEU B 138 -32.56 -6.65 -20.80
N ALA B 139 -31.78 -6.60 -19.72
CA ALA B 139 -32.19 -7.19 -18.45
C ALA B 139 -33.26 -6.35 -17.77
N LYS B 140 -33.12 -5.03 -17.89
CA LYS B 140 -34.08 -4.05 -17.38
C LYS B 140 -35.52 -4.37 -17.73
N HIS B 141 -35.77 -4.77 -18.98
CA HIS B 141 -37.14 -4.98 -19.43
C HIS B 141 -37.62 -6.47 -19.50
N SER B 142 -36.76 -7.41 -19.08
CA SER B 142 -37.09 -8.85 -19.18
C SER B 142 -37.88 -9.38 -17.99
N SER B 143 -38.80 -10.31 -18.22
CA SER B 143 -39.59 -10.87 -17.11
C SER B 143 -39.02 -12.21 -16.56
N VAL B 144 -37.88 -12.65 -17.08
CA VAL B 144 -37.17 -13.83 -16.56
C VAL B 144 -35.72 -13.46 -16.22
N PRO B 145 -34.96 -14.39 -15.60
CA PRO B 145 -33.56 -14.10 -15.31
C PRO B 145 -32.67 -14.01 -16.54
N VAL B 146 -31.79 -13.01 -16.58
CA VAL B 146 -30.75 -12.90 -17.62
C VAL B 146 -29.34 -13.28 -17.08
N ILE B 147 -28.63 -14.15 -17.80
CA ILE B 147 -27.22 -14.48 -17.50
C ILE B 147 -26.26 -13.94 -18.57
N ASN B 148 -25.22 -13.23 -18.11
CA ASN B 148 -24.24 -12.61 -18.97
C ASN B 148 -23.14 -13.58 -19.42
N ALA B 149 -23.19 -13.99 -20.70
CA ALA B 149 -22.21 -14.97 -21.23
C ALA B 149 -20.83 -14.36 -21.50
N LEU B 150 -20.80 -13.03 -21.53
CA LEU B 150 -19.59 -12.24 -21.81
C LEU B 150 -19.93 -10.81 -22.27
N CYS B 151 -19.13 -9.85 -21.83
CA CYS B 151 -19.21 -8.47 -22.30
C CYS B 151 -17.84 -7.79 -22.11
N ASP B 152 -17.76 -6.50 -22.39
CA ASP B 152 -16.49 -5.78 -22.33
C ASP B 152 -15.81 -5.77 -20.97
N THR B 153 -16.62 -5.74 -19.91
CA THR B 153 -16.06 -5.50 -18.58
C THR B 153 -16.13 -6.71 -17.64
N PHE B 154 -17.01 -7.68 -17.93
CA PHE B 154 -17.27 -8.81 -17.03
C PHE B 154 -17.33 -10.15 -17.74
N HIS B 155 -17.18 -11.23 -16.97
CA HIS B 155 -17.27 -12.62 -17.48
C HIS B 155 -17.46 -13.60 -16.30
N PRO B 156 -18.58 -13.47 -15.55
CA PRO B 156 -18.87 -14.30 -14.37
C PRO B 156 -18.72 -15.83 -14.53
N LEU B 157 -19.20 -16.41 -15.63
CA LEU B 157 -19.17 -17.87 -15.80
C LEU B 157 -17.73 -18.39 -15.73
N GLN B 158 -16.83 -17.61 -16.31
CA GLN B 158 -15.40 -17.94 -16.37
C GLN B 158 -14.74 -17.91 -14.99
N ALA B 159 -15.02 -16.86 -14.21
CA ALA B 159 -14.47 -16.74 -12.86
C ALA B 159 -14.91 -17.92 -11.98
N ILE B 160 -16.13 -18.40 -12.19
CA ILE B 160 -16.64 -19.51 -11.37
C ILE B 160 -15.91 -20.78 -11.72
N ALA B 161 -15.78 -21.04 -13.02
CA ALA B 161 -14.99 -22.17 -13.51
C ALA B 161 -13.54 -22.10 -13.04
N ASP B 162 -13.00 -20.89 -12.95
CA ASP B 162 -11.62 -20.68 -12.58
C ASP B 162 -11.38 -20.99 -11.11
N PHE B 163 -12.33 -20.62 -10.25
CA PHE B 163 -12.17 -20.96 -8.83
C PHE B 163 -12.52 -22.42 -8.49
N LEU B 164 -13.39 -23.05 -9.27
CA LEU B 164 -13.55 -24.51 -9.25
C LEU B 164 -12.20 -25.20 -9.52
N THR B 165 -11.49 -24.73 -10.54
CA THR B 165 -10.19 -25.29 -10.91
C THR B 165 -9.21 -25.20 -9.73
N ILE B 166 -9.10 -24.00 -9.18
CA ILE B 166 -8.17 -23.76 -8.10
C ILE B 166 -8.54 -24.60 -6.88
N HIS B 167 -9.83 -24.62 -6.54
CA HIS B 167 -10.31 -25.36 -5.38
C HIS B 167 -10.03 -26.86 -5.41
N GLU B 168 -9.95 -27.42 -6.61
CA GLU B 168 -9.68 -28.84 -6.77
C GLU B 168 -8.20 -29.19 -6.69
N SER B 169 -7.36 -28.26 -7.13
CA SER B 169 -5.93 -28.49 -7.22
C SER B 169 -5.22 -28.32 -5.88
N PHE B 170 -5.66 -27.33 -5.10
CA PHE B 170 -5.08 -27.00 -3.81
C PHE B 170 -5.91 -27.55 -2.65
N ALA B 171 -6.20 -28.87 -2.69
CA ALA B 171 -7.07 -29.52 -1.69
C ALA B 171 -6.29 -30.49 -0.80
N HIS B 180 -16.79 -23.22 7.68
CA HIS B 180 -17.04 -21.83 7.35
C HIS B 180 -17.55 -21.67 5.90
N PRO B 181 -18.80 -21.18 5.74
CA PRO B 181 -19.54 -21.16 4.46
C PRO B 181 -19.25 -19.98 3.52
N SER B 182 -18.46 -19.03 3.99
CA SER B 182 -18.12 -17.84 3.21
C SER B 182 -16.71 -17.94 2.64
N SER B 183 -16.15 -19.15 2.70
CA SER B 183 -14.74 -19.38 2.40
C SER B 183 -14.58 -20.67 1.63
N LEU B 184 -13.57 -20.72 0.75
CA LEU B 184 -13.17 -21.97 0.09
C LEU B 184 -11.83 -22.47 0.63
N GLY B 185 -11.46 -21.95 1.80
CA GLY B 185 -10.22 -22.30 2.48
C GLY B 185 -8.98 -22.07 1.63
N LEU B 186 -8.91 -20.90 0.99
CA LEU B 186 -7.80 -20.56 0.09
C LEU B 186 -7.07 -19.28 0.52
N GLU B 187 -7.29 -18.88 1.78
CA GLU B 187 -6.72 -17.65 2.29
C GLU B 187 -5.21 -17.68 2.14
N GLY B 188 -4.68 -16.60 1.57
CA GLY B 188 -3.24 -16.44 1.43
C GLY B 188 -2.64 -17.00 0.17
N LEU B 189 -3.43 -17.69 -0.63
CA LEU B 189 -2.94 -18.17 -1.92
C LEU B 189 -2.65 -16.91 -2.77
N LYS B 190 -1.70 -17.00 -3.71
CA LYS B 190 -1.33 -15.82 -4.52
C LYS B 190 -1.34 -16.08 -6.03
N ILE B 191 -2.18 -15.34 -6.74
CA ILE B 191 -2.22 -15.42 -8.19
C ILE B 191 -1.42 -14.29 -8.82
N ALA B 192 -0.64 -14.62 -9.85
CA ALA B 192 0.03 -13.59 -10.64
C ALA B 192 -0.55 -13.59 -12.05
N TRP B 193 -1.25 -12.51 -12.41
CA TRP B 193 -1.71 -12.31 -13.78
C TRP B 193 -0.67 -11.54 -14.61
N VAL B 194 -0.23 -12.12 -15.73
CA VAL B 194 0.80 -11.50 -16.58
C VAL B 194 0.40 -11.39 -18.05
N GLY B 195 0.08 -10.18 -18.51
CA GLY B 195 -0.47 -9.96 -19.83
C GLY B 195 -1.31 -8.71 -19.87
N ASP B 196 -2.26 -8.64 -20.80
CA ASP B 196 -3.14 -7.47 -20.97
C ASP B 196 -4.19 -7.41 -19.86
N ALA B 197 -4.79 -6.23 -19.64
CA ALA B 197 -5.95 -6.07 -18.72
C ALA B 197 -7.30 -6.17 -19.46
N ASN B 198 -8.07 -7.21 -19.12
CA ASN B 198 -9.36 -7.45 -19.77
C ASN B 198 -10.41 -8.06 -18.83
N ASN B 199 -11.63 -8.22 -19.39
CA ASN B 199 -12.81 -8.76 -18.70
C ASN B 199 -12.62 -10.01 -17.86
N VAL B 200 -11.86 -10.99 -18.36
CA VAL B 200 -11.60 -12.21 -17.61
C VAL B 200 -10.85 -11.87 -16.30
N LEU B 201 -9.83 -11.04 -16.41
CA LEU B 201 -9.12 -10.57 -15.22
C LEU B 201 -10.07 -9.91 -14.21
N PHE B 202 -10.84 -8.93 -14.67
CA PHE B 202 -11.67 -8.10 -13.80
C PHE B 202 -12.58 -8.91 -12.87
N ASP B 203 -13.33 -9.86 -13.42
CA ASP B 203 -14.18 -10.68 -12.57
C ASP B 203 -13.36 -11.66 -11.72
N LEU B 204 -12.17 -12.05 -12.20
CA LEU B 204 -11.34 -12.95 -11.43
C LEU B 204 -10.89 -12.24 -10.16
N ALA B 205 -10.35 -11.03 -10.33
CA ALA B 205 -9.83 -10.23 -9.21
C ALA B 205 -10.91 -9.84 -8.22
N ILE B 206 -12.14 -9.64 -8.71
CA ILE B 206 -13.28 -9.38 -7.83
C ILE B 206 -13.58 -10.60 -6.93
N ALA B 207 -13.69 -11.78 -7.53
CA ALA B 207 -13.90 -13.05 -6.82
C ALA B 207 -12.73 -13.38 -5.87
N ALA B 208 -11.51 -13.16 -6.36
CA ALA B 208 -10.30 -13.39 -5.58
C ALA B 208 -10.29 -12.58 -4.26
N THR B 209 -10.75 -11.33 -4.36
CA THR B 209 -10.87 -10.44 -3.22
C THR B 209 -11.78 -11.01 -2.13
N LYS B 210 -12.87 -11.65 -2.55
CA LYS B 210 -13.89 -12.12 -1.62
C LYS B 210 -13.47 -13.41 -0.94
N MET B 211 -12.53 -14.13 -1.54
CA MET B 211 -12.09 -15.43 -1.05
C MET B 211 -10.79 -15.30 -0.30
N GLY B 212 -10.38 -14.05 -0.07
CA GLY B 212 -9.16 -13.74 0.65
C GLY B 212 -7.93 -14.25 -0.06
N VAL B 213 -7.96 -14.27 -1.39
CA VAL B 213 -6.81 -14.62 -2.22
C VAL B 213 -6.17 -13.34 -2.77
N ASN B 214 -4.83 -13.23 -2.65
CA ASN B 214 -4.04 -12.11 -3.23
C ASN B 214 -3.84 -12.21 -4.75
N VAL B 215 -3.90 -11.06 -5.44
CA VAL B 215 -3.71 -10.96 -6.91
C VAL B 215 -2.71 -9.86 -7.34
N ALA B 216 -1.59 -10.29 -7.91
CA ALA B 216 -0.55 -9.38 -8.41
C ALA B 216 -0.64 -9.31 -9.93
N VAL B 217 -0.56 -8.10 -10.48
CA VAL B 217 -0.84 -7.87 -11.91
C VAL B 217 0.27 -7.10 -12.63
N ALA B 218 0.80 -7.70 -13.70
CA ALA B 218 1.82 -7.08 -14.51
C ALA B 218 1.27 -6.79 -15.89
N THR B 219 1.23 -5.51 -16.25
CA THR B 219 0.84 -5.06 -17.60
C THR B 219 1.84 -4.02 -18.05
N PRO B 220 2.04 -3.88 -19.37
CA PRO B 220 2.89 -2.80 -19.88
C PRO B 220 2.29 -1.41 -19.67
N ARG B 221 3.15 -0.38 -19.68
CA ARG B 221 2.70 0.99 -19.48
C ARG B 221 1.65 1.41 -20.53
N GLY B 222 0.49 1.87 -20.07
CA GLY B 222 -0.62 2.26 -20.97
C GLY B 222 -1.69 1.20 -21.19
N TYR B 223 -1.55 0.04 -20.52
CA TYR B 223 -2.43 -1.12 -20.70
C TYR B 223 -2.96 -1.63 -19.36
N GLU B 224 -3.02 -0.72 -18.38
CA GLU B 224 -3.35 -1.09 -17.01
C GLU B 224 -4.87 -1.19 -16.74
N ILE B 225 -5.22 -1.78 -15.60
CA ILE B 225 -6.61 -1.83 -15.13
C ILE B 225 -7.23 -0.42 -15.10
N PRO B 226 -8.40 -0.23 -15.75
CA PRO B 226 -9.03 1.08 -15.69
C PRO B 226 -9.43 1.44 -14.26
N SER B 227 -9.35 2.73 -13.91
CA SER B 227 -9.62 3.16 -12.52
C SER B 227 -11.03 2.82 -12.01
N HIS B 228 -12.06 3.06 -12.82
CA HIS B 228 -13.41 2.58 -12.52
C HIS B 228 -13.35 1.15 -11.91
N ILE B 229 -12.65 0.23 -12.58
CA ILE B 229 -12.57 -1.17 -12.12
C ILE B 229 -11.87 -1.33 -10.77
N VAL B 230 -10.77 -0.60 -10.55
CA VAL B 230 -10.07 -0.65 -9.26
C VAL B 230 -10.99 -0.25 -8.10
N GLU B 231 -11.81 0.77 -8.32
CA GLU B 231 -12.85 1.18 -7.37
C GLU B 231 -13.85 0.04 -7.11
N LEU B 232 -14.28 -0.63 -8.18
CA LEU B 232 -15.19 -1.78 -8.08
C LEU B 232 -14.61 -2.93 -7.28
N ILE B 233 -13.31 -3.17 -7.46
CA ILE B 233 -12.60 -4.19 -6.67
C ILE B 233 -12.60 -3.83 -5.20
N GLN B 234 -12.34 -2.56 -4.90
CA GLN B 234 -12.19 -2.14 -3.51
C GLN B 234 -13.51 -2.09 -2.71
N LYS B 235 -14.64 -1.86 -3.40
CA LYS B 235 -15.97 -2.01 -2.77
C LYS B 235 -16.26 -3.48 -2.42
N ALA B 236 -15.75 -4.40 -3.24
CA ALA B 236 -15.83 -5.83 -2.96
C ALA B 236 -15.15 -6.23 -1.63
N ARG B 237 -14.29 -5.35 -1.11
CA ARG B 237 -13.59 -5.59 0.15
C ARG B 237 -14.48 -5.47 1.38
N GLU B 238 -15.47 -4.57 1.33
CA GLU B 238 -16.32 -4.29 2.51
C GLU B 238 -17.25 -5.48 2.76
N GLY B 239 -17.18 -6.01 3.98
CA GLY B 239 -17.99 -7.15 4.41
C GLY B 239 -17.31 -8.50 4.27
N VAL B 240 -15.99 -8.48 4.13
CA VAL B 240 -15.21 -9.70 4.03
C VAL B 240 -14.40 -9.84 5.29
N GLN B 241 -14.33 -11.05 5.83
CA GLN B 241 -13.60 -11.28 7.07
C GLN B 241 -12.11 -11.00 6.87
N SER B 242 -11.55 -11.49 5.76
CA SER B 242 -10.12 -11.32 5.49
C SER B 242 -9.83 -11.11 4.00
N PRO B 243 -9.96 -9.85 3.49
CA PRO B 243 -9.96 -9.54 2.05
C PRO B 243 -8.62 -9.77 1.37
N GLY B 244 -8.67 -10.21 0.11
CA GLY B 244 -7.46 -10.38 -0.69
C GLY B 244 -6.93 -9.03 -1.14
N ASN B 245 -5.66 -8.96 -1.47
CA ASN B 245 -5.07 -7.69 -1.89
C ASN B 245 -4.67 -7.64 -3.37
N LEU B 246 -5.16 -6.61 -4.06
CA LEU B 246 -4.66 -6.25 -5.38
C LEU B 246 -3.30 -5.53 -5.34
N THR B 247 -2.43 -5.91 -6.27
CA THR B 247 -1.11 -5.26 -6.48
C THR B 247 -0.91 -5.02 -7.96
N GLN B 248 -0.35 -3.86 -8.31
CA GLN B 248 -0.12 -3.53 -9.71
C GLN B 248 1.33 -3.19 -9.97
N THR B 249 1.89 -3.81 -11.00
CA THR B 249 3.29 -3.59 -11.39
C THR B 249 3.43 -3.58 -12.92
N THR B 250 4.59 -3.11 -13.40
CA THR B 250 4.97 -3.12 -14.82
C THR B 250 6.12 -4.10 -15.09
N VAL B 251 6.63 -4.72 -14.03
CA VAL B 251 7.69 -5.72 -14.13
C VAL B 251 7.09 -7.11 -14.00
N PRO B 252 7.18 -7.94 -15.07
CA PRO B 252 6.70 -9.31 -14.93
C PRO B 252 7.40 -10.07 -13.79
N GLU B 253 8.71 -9.86 -13.64
CA GLU B 253 9.46 -10.58 -12.61
C GLU B 253 8.97 -10.29 -11.21
N VAL B 254 8.49 -9.08 -10.96
CA VAL B 254 7.95 -8.74 -9.64
C VAL B 254 6.64 -9.48 -9.34
N ALA B 255 5.74 -9.49 -10.32
CA ALA B 255 4.43 -10.12 -10.16
C ALA B 255 4.52 -11.57 -9.71
N VAL B 256 5.41 -12.33 -10.35
CA VAL B 256 5.50 -13.78 -10.13
C VAL B 256 6.05 -14.22 -8.77
N LYS B 257 6.84 -13.37 -8.11
CA LYS B 257 7.53 -13.77 -6.87
C LYS B 257 6.56 -14.36 -5.86
N ASP B 258 6.91 -15.55 -5.35
CA ASP B 258 6.09 -16.31 -4.39
C ASP B 258 4.67 -16.68 -4.83
N ALA B 259 4.43 -16.69 -6.14
CA ALA B 259 3.10 -16.95 -6.68
C ALA B 259 2.75 -18.45 -6.72
N ASP B 260 1.53 -18.80 -6.34
CA ASP B 260 1.09 -20.19 -6.41
C ASP B 260 0.59 -20.56 -7.81
N VAL B 261 -0.08 -19.60 -8.47
CA VAL B 261 -0.64 -19.77 -9.80
C VAL B 261 -0.19 -18.58 -10.62
N ILE B 262 0.18 -18.84 -11.88
CA ILE B 262 0.43 -17.79 -12.87
C ILE B 262 -0.54 -17.89 -14.05
N VAL B 263 -1.19 -16.78 -14.36
CA VAL B 263 -2.27 -16.73 -15.35
C VAL B 263 -2.00 -15.73 -16.46
N THR B 264 -2.48 -16.04 -17.67
CA THR B 264 -2.44 -15.14 -18.82
C THR B 264 -3.59 -15.38 -19.84
N ASP B 265 -3.77 -14.46 -20.78
CA ASP B 265 -4.74 -14.60 -21.89
C ASP B 265 -4.17 -14.04 -23.19
N THR B 266 -4.94 -14.19 -24.28
CA THR B 266 -4.61 -13.65 -25.62
C THR B 266 -4.33 -12.13 -25.64
N TRP B 267 -3.41 -11.68 -26.49
CA TRP B 267 -3.27 -10.24 -26.82
C TRP B 267 -2.82 -9.97 -28.27
N LYS B 276 -2.09 -3.24 -32.97
CA LYS B 276 -1.38 -4.47 -33.34
C LYS B 276 0.11 -4.21 -33.47
N ILE B 277 0.46 -3.17 -34.23
CA ILE B 277 1.85 -2.86 -34.53
C ILE B 277 2.67 -2.53 -33.27
N LYS B 278 2.24 -1.50 -32.54
CA LYS B 278 2.91 -1.03 -31.31
C LYS B 278 2.86 -2.04 -30.16
N ARG B 279 1.88 -2.95 -30.20
CA ARG B 279 1.69 -3.93 -29.13
C ARG B 279 2.86 -4.89 -28.93
N LEU B 280 3.31 -5.54 -30.00
CA LEU B 280 4.40 -6.53 -29.93
C LEU B 280 5.70 -5.99 -29.28
N GLU B 281 6.05 -4.74 -29.55
CA GLU B 281 7.22 -4.11 -28.92
C GLU B 281 6.99 -3.87 -27.42
N ALA B 282 5.76 -3.55 -27.03
CA ALA B 282 5.43 -3.30 -25.63
C ALA B 282 5.35 -4.58 -24.77
N PHE B 283 4.91 -5.68 -25.38
CA PHE B 283 4.76 -6.98 -24.69
C PHE B 283 6.00 -7.88 -24.82
N LYS B 284 7.11 -7.27 -25.25
CA LYS B 284 8.40 -7.94 -25.47
C LYS B 284 8.73 -8.96 -24.37
N ASP B 285 8.81 -8.47 -23.13
CA ASP B 285 9.20 -9.30 -21.98
C ASP B 285 8.04 -10.09 -21.37
N PHE B 286 6.89 -10.10 -22.02
CA PHE B 286 5.66 -10.57 -21.37
C PHE B 286 5.22 -12.01 -21.62
N LYS B 287 5.99 -12.77 -22.40
CA LYS B 287 5.70 -14.19 -22.61
C LYS B 287 5.87 -14.97 -21.29
N VAL B 288 4.91 -15.84 -20.93
CA VAL B 288 5.10 -16.72 -19.76
C VAL B 288 5.95 -17.92 -20.14
N THR B 289 7.15 -18.01 -19.54
CA THR B 289 8.09 -19.11 -19.80
C THR B 289 8.60 -19.74 -18.49
N SER B 290 9.32 -20.86 -18.61
CA SER B 290 9.99 -21.49 -17.45
C SER B 290 11.14 -20.66 -16.90
N GLU B 291 11.89 -20.03 -17.79
CA GLU B 291 12.96 -19.14 -17.33
C GLU B 291 12.36 -18.01 -16.49
N LEU B 292 11.22 -17.46 -16.93
CA LEU B 292 10.54 -16.38 -16.18
C LEU B 292 10.28 -16.77 -14.72
N ALA B 293 9.64 -17.92 -14.54
CA ALA B 293 9.31 -18.41 -13.20
C ALA B 293 10.53 -18.57 -12.29
N LYS B 294 11.57 -19.26 -12.78
CA LYS B 294 12.80 -19.50 -12.01
C LYS B 294 13.56 -18.21 -11.70
N ARG B 295 13.51 -17.25 -12.62
CA ARG B 295 14.21 -15.95 -12.51
C ARG B 295 13.46 -14.92 -11.63
N GLY B 296 12.15 -15.07 -11.47
CA GLY B 296 11.38 -14.20 -10.57
C GLY B 296 11.09 -14.81 -9.21
N GLY B 297 11.51 -16.05 -9.02
CA GLY B 297 11.34 -16.76 -7.76
C GLY B 297 9.91 -17.12 -7.41
N ALA B 298 9.11 -17.48 -8.43
CA ALA B 298 7.77 -18.02 -8.17
C ALA B 298 7.91 -19.36 -7.45
N LYS B 299 6.89 -19.69 -6.66
CA LYS B 299 6.91 -20.91 -5.86
C LYS B 299 7.29 -22.16 -6.66
N GLU B 300 7.95 -23.09 -5.98
CA GLU B 300 8.45 -24.34 -6.54
C GLU B 300 7.38 -25.20 -7.25
N ASN B 301 6.23 -25.41 -6.64
CA ASN B 301 5.17 -26.22 -7.28
C ASN B 301 4.07 -25.38 -7.99
N TRP B 302 4.47 -24.33 -8.70
CA TRP B 302 3.50 -23.39 -9.29
C TRP B 302 2.68 -23.99 -10.42
N LYS B 303 1.47 -23.48 -10.60
CA LYS B 303 0.53 -24.01 -11.59
C LYS B 303 0.19 -22.95 -12.62
N PHE B 304 -0.15 -23.36 -13.85
CA PHE B 304 -0.50 -22.46 -14.96
C PHE B 304 -1.98 -22.50 -15.38
N MET B 305 -2.53 -21.33 -15.76
CA MET B 305 -3.91 -21.25 -16.22
C MET B 305 -4.04 -20.30 -17.45
N HIS B 306 -5.06 -20.52 -18.27
CA HIS B 306 -5.30 -19.75 -19.50
C HIS B 306 -6.69 -20.16 -20.00
N CYS B 307 -7.60 -19.19 -20.17
CA CYS B 307 -8.99 -19.52 -20.50
C CYS B 307 -9.22 -20.02 -21.94
N LEU B 308 -8.29 -19.73 -22.84
CA LEU B 308 -8.36 -20.21 -24.23
C LEU B 308 -9.29 -19.34 -25.10
N PRO B 309 -9.07 -19.35 -26.44
CA PRO B 309 -8.06 -20.16 -27.15
C PRO B 309 -6.68 -19.60 -26.91
N ARG B 310 -5.66 -20.40 -27.18
CA ARG B 310 -4.30 -20.02 -26.85
C ARG B 310 -3.45 -19.81 -28.09
N HIS B 311 -2.90 -18.62 -28.23
CA HIS B 311 -1.94 -18.32 -29.30
C HIS B 311 -0.47 -18.47 -28.79
N PRO B 312 0.53 -18.52 -29.71
CA PRO B 312 1.90 -18.89 -29.29
C PRO B 312 2.68 -17.80 -28.56
N GLU B 313 2.12 -16.60 -28.51
CA GLU B 313 2.82 -15.42 -28.02
C GLU B 313 2.82 -15.36 -26.50
N GLU B 314 1.69 -15.71 -25.88
CA GLU B 314 1.53 -15.52 -24.43
C GLU B 314 2.21 -16.58 -23.57
N VAL B 315 2.34 -17.79 -24.10
CA VAL B 315 2.94 -18.90 -23.36
C VAL B 315 3.63 -19.86 -24.31
N SER B 316 4.79 -20.36 -23.89
CA SER B 316 5.52 -21.39 -24.65
C SER B 316 4.82 -22.75 -24.55
N ASP B 317 5.21 -23.66 -25.44
CA ASP B 317 4.74 -25.05 -25.40
C ASP B 317 5.17 -25.78 -24.13
N GLU B 318 6.42 -25.55 -23.71
CA GLU B 318 6.99 -26.20 -22.53
C GLU B 318 6.12 -26.02 -21.27
N VAL B 319 5.65 -24.80 -21.02
CA VAL B 319 4.71 -24.58 -19.93
C VAL B 319 3.32 -25.18 -20.26
N PHE B 320 2.76 -24.79 -21.40
CA PHE B 320 1.36 -25.14 -21.78
C PHE B 320 0.98 -26.64 -21.71
N TYR B 321 1.92 -27.52 -22.09
CA TYR B 321 1.69 -28.96 -22.10
C TYR B 321 2.38 -29.69 -20.95
N SER B 322 2.93 -28.94 -20.00
CA SER B 322 3.58 -29.55 -18.84
C SER B 322 2.57 -30.08 -17.80
N GLU B 323 3.07 -30.79 -16.80
CA GLU B 323 2.24 -31.31 -15.71
C GLU B 323 1.64 -30.19 -14.85
N ARG B 324 2.31 -29.04 -14.80
CA ARG B 324 1.81 -27.94 -13.98
C ARG B 324 0.72 -27.09 -14.67
N SER B 325 0.28 -27.54 -15.84
CA SER B 325 -0.74 -26.83 -16.62
C SER B 325 -2.14 -27.35 -16.29
N LEU B 326 -3.04 -26.47 -15.89
CA LEU B 326 -4.41 -26.88 -15.58
C LEU B 326 -5.42 -26.53 -16.66
N VAL B 327 -4.92 -26.21 -17.85
CA VAL B 327 -5.70 -25.68 -18.98
C VAL B 327 -6.95 -26.50 -19.42
N PHE B 328 -6.81 -27.81 -19.58
CA PHE B 328 -7.93 -28.64 -20.07
C PHE B 328 -9.03 -28.95 -19.01
N PRO B 329 -8.62 -29.21 -17.75
CA PRO B 329 -9.67 -29.23 -16.72
C PRO B 329 -10.40 -27.87 -16.65
N GLU B 330 -9.65 -26.77 -16.78
CA GLU B 330 -10.19 -25.42 -16.76
C GLU B 330 -11.32 -25.24 -17.78
N ALA B 331 -11.09 -25.75 -18.98
CA ALA B 331 -12.06 -25.66 -20.07
C ALA B 331 -13.31 -26.48 -19.76
N GLU B 332 -13.13 -27.74 -19.33
CA GLU B 332 -14.21 -28.64 -18.93
C GLU B 332 -15.04 -28.02 -17.78
N ASN B 333 -14.37 -27.29 -16.90
CA ASN B 333 -15.07 -26.69 -15.76
C ASN B 333 -16.15 -25.65 -16.10
N ARG B 334 -16.13 -25.14 -17.33
CA ARG B 334 -17.22 -24.29 -17.81
C ARG B 334 -18.57 -25.03 -17.83
N LEU B 335 -18.53 -26.36 -18.05
CA LEU B 335 -19.75 -27.19 -18.00
C LEU B 335 -20.35 -27.24 -16.62
N TRP B 336 -19.53 -27.48 -15.60
CA TRP B 336 -20.04 -27.65 -14.25
C TRP B 336 -20.44 -26.30 -13.65
N ALA B 337 -19.76 -25.24 -14.07
CA ALA B 337 -20.11 -23.84 -13.74
C ALA B 337 -21.49 -23.42 -14.22
N ALA B 338 -21.76 -23.73 -15.49
CA ALA B 338 -23.04 -23.39 -16.09
C ALA B 338 -24.21 -24.14 -15.42
N ILE B 339 -24.04 -25.45 -15.16
CA ILE B 339 -25.05 -26.24 -14.46
C ILE B 339 -25.40 -25.54 -13.15
N SER B 340 -24.38 -25.22 -12.35
CA SER B 340 -24.57 -24.63 -11.04
C SER B 340 -25.19 -23.22 -11.11
N ALA B 341 -24.88 -22.46 -12.16
CA ALA B 341 -25.45 -21.11 -12.28
C ALA B 341 -26.91 -21.11 -12.81
N LEU B 342 -27.21 -21.98 -13.77
CA LEU B 342 -28.57 -22.13 -14.26
C LEU B 342 -29.48 -22.67 -13.16
N GLU B 343 -28.98 -23.65 -12.38
CA GLU B 343 -29.75 -24.12 -11.21
C GLU B 343 -30.11 -22.96 -10.25
N ALA B 344 -29.11 -22.18 -9.86
CA ALA B 344 -29.29 -21.12 -8.86
C ALA B 344 -30.23 -20.00 -9.29
N PHE B 345 -30.10 -19.58 -10.55
CA PHE B 345 -30.78 -18.40 -11.04
C PHE B 345 -32.14 -18.68 -11.69
N VAL B 346 -32.23 -19.78 -12.44
CA VAL B 346 -33.50 -20.17 -13.08
C VAL B 346 -34.40 -21.02 -12.17
N VAL B 347 -33.90 -22.17 -11.71
CA VAL B 347 -34.69 -23.07 -10.87
C VAL B 347 -34.96 -22.57 -9.43
N ASN B 348 -33.99 -21.90 -8.83
CA ASN B 348 -34.09 -21.53 -7.42
C ASN B 348 -34.56 -20.08 -7.28
N LYS B 349 -34.77 -19.48 -8.46
CA LYS B 349 -35.28 -18.12 -8.63
C LYS B 349 -34.45 -17.10 -7.82
N GLY B 350 -33.14 -17.29 -7.82
CA GLY B 350 -32.20 -16.31 -7.31
C GLY B 350 -31.76 -16.61 -5.90
N LYS B 351 -32.48 -17.52 -5.24
CA LYS B 351 -32.17 -17.91 -3.87
C LYS B 351 -31.09 -19.02 -3.85
N ILE B 352 -29.86 -18.66 -3.48
CA ILE B 352 -28.71 -19.56 -3.58
C ILE B 352 -28.40 -20.42 -2.33
N ALA B 353 -28.38 -21.73 -2.50
CA ALA B 353 -28.17 -22.68 -1.40
C ALA B 353 -27.67 -24.05 -1.91
N THR C 22 42.17 -1.13 0.56
CA THR C 22 42.03 0.13 -0.23
C THR C 22 40.55 0.59 -0.29
N PRO C 23 40.30 1.92 -0.21
CA PRO C 23 38.98 2.57 -0.26
C PRO C 23 38.32 2.63 -1.66
N ARG C 24 37.00 2.59 -1.68
CA ARG C 24 36.24 2.57 -2.94
C ARG C 24 35.75 3.99 -3.30
N HIS C 25 35.96 4.39 -4.55
CA HIS C 25 35.56 5.74 -5.00
C HIS C 25 34.34 5.72 -5.92
N LEU C 26 33.65 6.85 -6.01
CA LEU C 26 32.62 7.01 -7.04
C LEU C 26 33.06 8.03 -8.10
N LEU C 27 33.42 7.57 -9.30
CA LEU C 27 33.82 8.49 -10.39
C LEU C 27 32.80 8.55 -11.54
N SER C 28 32.14 7.42 -11.81
CA SER C 28 31.15 7.33 -12.89
C SER C 28 30.03 6.33 -12.55
N ILE C 29 28.88 6.45 -13.20
CA ILE C 29 27.81 5.48 -12.98
C ILE C 29 28.24 4.08 -13.46
N ALA C 30 29.31 4.00 -14.25
CA ALA C 30 29.87 2.71 -14.69
C ALA C 30 30.58 1.94 -13.57
N ASP C 31 30.86 2.58 -12.44
CA ASP C 31 31.42 1.85 -11.29
C ASP C 31 30.36 1.02 -10.57
N LEU C 32 29.11 1.10 -11.02
CA LEU C 32 27.99 0.57 -10.23
C LEU C 32 27.28 -0.60 -10.90
N THR C 33 26.92 -1.61 -10.11
CA THR C 33 26.03 -2.67 -10.60
C THR C 33 24.63 -2.08 -10.74
N PRO C 34 23.76 -2.71 -11.55
CA PRO C 34 22.39 -2.15 -11.65
C PRO C 34 21.60 -2.23 -10.33
N THR C 35 21.89 -3.23 -9.49
CA THR C 35 21.32 -3.30 -8.14
C THR C 35 21.84 -2.15 -7.25
N GLU C 36 23.14 -1.89 -7.27
CA GLU C 36 23.70 -0.78 -6.51
C GLU C 36 23.07 0.55 -6.90
N PHE C 37 22.94 0.81 -8.20
CA PHE C 37 22.38 2.08 -8.65
C PHE C 37 20.91 2.22 -8.19
N ALA C 38 20.10 1.18 -8.41
CA ALA C 38 18.71 1.17 -7.94
C ALA C 38 18.56 1.40 -6.42
N THR C 39 19.45 0.78 -5.63
CA THR C 39 19.44 1.00 -4.20
C THR C 39 19.71 2.48 -3.83
N LEU C 40 20.69 3.12 -4.48
CA LEU C 40 21.00 4.52 -4.16
C LEU C 40 19.78 5.41 -4.40
N VAL C 41 19.07 5.14 -5.49
CA VAL C 41 17.89 5.92 -5.83
C VAL C 41 16.74 5.69 -4.85
N ARG C 42 16.57 4.44 -4.45
CA ARG C 42 15.60 4.05 -3.42
C ARG C 42 15.84 4.74 -2.07
N ASN C 43 17.10 4.78 -1.64
CA ASN C 43 17.43 5.39 -0.36
C ASN C 43 17.17 6.88 -0.35
N ALA C 44 17.47 7.54 -1.47
CA ALA C 44 17.28 8.98 -1.58
C ALA C 44 15.80 9.29 -1.45
N SER C 45 14.98 8.50 -2.16
CA SER C 45 13.55 8.69 -2.15
C SER C 45 13.01 8.49 -0.75
N SER C 46 13.52 7.45 -0.08
CA SER C 46 13.06 7.09 1.25
C SER C 46 13.35 8.23 2.23
N TYR C 47 14.60 8.69 2.26
CA TYR C 47 15.00 9.76 3.19
C TYR C 47 14.27 11.08 2.88
N LYS C 48 14.12 11.40 1.59
CA LYS C 48 13.35 12.56 1.19
C LYS C 48 11.95 12.60 1.84
N LYS C 49 11.16 11.53 1.71
CA LYS C 49 9.80 11.49 2.30
C LYS C 49 9.85 11.62 3.82
N THR C 50 10.85 11.01 4.45
CA THR C 50 10.96 11.08 5.91
C THR C 50 11.25 12.51 6.40
N ILE C 51 12.40 13.06 5.98
CA ILE C 51 12.81 14.43 6.37
C ILE C 51 11.79 15.54 6.01
N LYS C 52 11.22 15.50 4.82
CA LYS C 52 10.18 16.48 4.44
C LYS C 52 8.90 16.40 5.28
N SER C 53 8.62 15.25 5.89
CA SER C 53 7.51 15.20 6.86
C SER C 53 7.96 15.28 8.31
N ASP C 54 9.07 15.95 8.56
CA ASP C 54 9.48 16.32 9.92
C ASP C 54 10.07 15.21 10.85
N SER C 55 10.84 14.29 10.26
CA SER C 55 11.41 13.17 11.03
C SER C 55 12.84 12.86 10.58
N MET C 56 13.65 12.26 11.45
CA MET C 56 15.00 11.80 11.06
C MET C 56 15.08 10.29 10.99
N PRO C 57 15.68 9.74 9.91
CA PRO C 57 15.97 8.29 9.85
C PRO C 57 17.05 7.93 10.85
N GLU C 58 16.90 6.83 11.57
CA GLU C 58 17.88 6.41 12.57
C GLU C 58 19.28 6.19 11.98
N ARG C 59 19.33 5.60 10.79
CA ARG C 59 20.58 5.36 10.08
C ARG C 59 21.51 6.58 9.89
N LEU C 60 20.92 7.76 9.74
CA LEU C 60 21.70 8.97 9.39
C LEU C 60 22.05 9.86 10.58
N THR C 61 21.35 9.71 11.70
CA THR C 61 21.46 10.61 12.86
C THR C 61 22.84 10.56 13.52
N GLY C 62 23.58 11.68 13.39
CA GLY C 62 24.93 11.77 13.90
C GLY C 62 25.92 10.82 13.22
N ALA C 63 25.60 10.31 12.04
CA ALA C 63 26.46 9.33 11.37
C ALA C 63 27.85 9.87 10.97
N LEU C 64 27.99 11.19 10.88
CA LEU C 64 29.26 11.82 10.51
C LEU C 64 29.80 12.82 11.56
N SER C 65 29.27 12.81 12.78
CA SER C 65 29.65 13.83 13.76
C SER C 65 31.12 13.72 14.18
N GLY C 66 31.81 14.87 14.25
CA GLY C 66 33.24 14.91 14.49
C GLY C 66 34.08 14.59 13.25
N LYS C 67 33.46 14.22 12.13
CA LYS C 67 34.16 14.00 10.87
C LYS C 67 34.11 15.22 9.94
N THR C 68 35.16 15.38 9.12
CA THR C 68 35.22 16.46 8.12
C THR C 68 35.16 15.91 6.69
N VAL C 69 34.40 16.63 5.85
CA VAL C 69 34.35 16.39 4.40
C VAL C 69 34.94 17.56 3.59
N ALA C 70 36.07 17.34 2.92
CA ALA C 70 36.71 18.40 2.10
C ALA C 70 36.08 18.55 0.72
N MET C 71 35.66 19.76 0.37
CA MET C 71 35.17 20.05 -0.98
C MET C 71 36.26 20.79 -1.74
N MET C 72 36.85 20.13 -2.73
CA MET C 72 37.95 20.73 -3.52
C MET C 72 37.50 21.15 -4.92
N PHE C 73 37.28 22.44 -5.13
CA PHE C 73 36.76 22.93 -6.41
C PHE C 73 37.75 23.74 -7.26
N SER C 74 37.90 23.36 -8.53
CA SER C 74 38.77 24.07 -9.48
C SER C 74 38.17 25.30 -10.19
N LYS C 75 36.84 25.32 -10.33
CA LYS C 75 36.15 26.51 -10.87
C LYS C 75 34.93 26.81 -9.98
N ARG C 76 34.35 28.00 -10.04
CA ARG C 76 33.19 28.34 -9.22
C ARG C 76 32.04 27.36 -9.52
N SER C 77 31.48 26.79 -8.44
CA SER C 77 30.48 25.72 -8.53
C SER C 77 29.43 25.87 -7.43
N THR C 78 28.88 27.07 -7.29
CA THR C 78 28.01 27.40 -6.15
C THR C 78 26.84 26.42 -5.93
N ARG C 79 26.25 25.93 -7.02
CA ARG C 79 25.10 25.03 -6.94
C ARG C 79 25.44 23.66 -6.39
N THR C 80 26.63 23.17 -6.74
CA THR C 80 27.15 21.91 -6.17
C THR C 80 27.49 22.07 -4.68
N ARG C 81 28.02 23.24 -4.30
CA ARG C 81 28.27 23.57 -2.87
C ARG C 81 27.03 23.46 -2.03
N VAL C 82 25.95 24.08 -2.48
CA VAL C 82 24.69 24.09 -1.74
C VAL C 82 24.23 22.69 -1.33
N SER C 83 24.00 21.80 -2.29
CA SER C 83 23.55 20.43 -1.98
C SER C 83 24.56 19.61 -1.20
N THR C 84 25.86 19.79 -1.49
CA THR C 84 26.91 19.02 -0.79
C THR C 84 26.98 19.43 0.69
N GLU C 85 27.26 20.72 0.91
CA GLU C 85 27.19 21.34 2.22
C GLU C 85 25.94 20.83 2.99
N GLY C 86 24.74 21.01 2.44
CA GLY C 86 23.49 20.60 3.14
C GLY C 86 23.33 19.10 3.47
N ALA C 87 23.70 18.26 2.51
CA ALA C 87 23.70 16.83 2.70
C ALA C 87 24.62 16.44 3.84
N VAL C 88 25.89 16.81 3.73
CA VAL C 88 26.85 16.61 4.81
C VAL C 88 26.30 17.03 6.18
N VAL C 89 25.61 18.20 6.24
CA VAL C 89 25.10 18.71 7.52
C VAL C 89 23.94 17.89 8.15
N LYS C 90 23.10 17.25 7.34
CA LYS C 90 22.03 16.40 7.91
C LYS C 90 22.60 15.30 8.78
N MET C 91 23.81 14.84 8.42
CA MET C 91 24.45 13.68 9.09
C MET C 91 25.36 14.08 10.26
N GLY C 92 25.39 15.35 10.61
CA GLY C 92 26.14 15.80 11.77
C GLY C 92 27.61 16.09 11.49
N GLY C 93 28.00 16.13 10.22
CA GLY C 93 29.39 16.44 9.86
C GLY C 93 29.69 17.89 9.48
N HIS C 94 30.97 18.16 9.20
CA HIS C 94 31.44 19.50 8.80
C HIS C 94 32.02 19.57 7.39
N PRO C 95 31.34 20.31 6.48
CA PRO C 95 31.88 20.53 5.13
C PRO C 95 32.92 21.67 5.11
N MET C 96 34.10 21.38 4.57
CA MET C 96 35.16 22.37 4.50
C MET C 96 35.36 22.79 3.04
N PHE C 97 35.09 24.05 2.74
CA PHE C 97 35.23 24.57 1.37
C PHE C 97 36.68 25.01 1.03
N LEU C 98 37.31 24.30 0.09
CA LEU C 98 38.61 24.73 -0.46
C LEU C 98 38.50 25.03 -1.97
N GLY C 99 38.67 26.30 -2.34
CA GLY C 99 38.30 26.77 -3.68
C GLY C 99 39.44 27.16 -4.61
N LYS C 100 39.08 27.88 -5.68
CA LYS C 100 39.99 28.25 -6.79
C LYS C 100 41.36 28.74 -6.35
N ASP C 101 41.36 29.65 -5.39
CA ASP C 101 42.57 30.31 -4.94
C ASP C 101 43.05 29.84 -3.56
N ASP C 102 42.40 28.80 -3.04
CA ASP C 102 42.88 28.13 -1.83
C ASP C 102 43.97 27.09 -2.17
N ILE C 103 43.61 26.10 -2.99
CA ILE C 103 44.55 25.09 -3.46
C ILE C 103 44.75 25.23 -4.97
N GLN C 104 45.97 25.53 -5.39
CA GLN C 104 46.31 25.59 -6.81
C GLN C 104 47.11 24.31 -7.17
N LEU C 105 46.35 23.25 -7.51
CA LEU C 105 46.87 21.88 -7.71
C LEU C 105 48.05 21.78 -8.68
N GLY C 106 49.22 21.42 -8.14
CA GLY C 106 50.40 21.15 -8.95
C GLY C 106 51.34 22.33 -9.03
N VAL C 107 50.86 23.52 -8.66
CA VAL C 107 51.62 24.78 -8.87
C VAL C 107 52.84 24.95 -7.95
N ASN C 108 52.59 25.04 -6.63
CA ASN C 108 53.70 25.12 -5.66
C ASN C 108 53.89 23.81 -4.87
N GLU C 109 53.06 22.81 -5.21
CA GLU C 109 53.17 21.48 -4.63
C GLU C 109 52.70 20.37 -5.58
N SER C 110 53.52 19.32 -5.69
CA SER C 110 53.16 18.09 -6.41
C SER C 110 51.78 17.55 -6.01
N LEU C 111 51.03 17.07 -6.99
CA LEU C 111 49.69 16.50 -6.77
C LEU C 111 49.70 15.28 -5.83
N TYR C 112 50.77 14.51 -5.87
CA TYR C 112 50.96 13.36 -4.99
C TYR C 112 50.99 13.80 -3.50
N ASP C 113 51.82 14.78 -3.19
CA ASP C 113 51.97 15.26 -1.81
C ASP C 113 50.63 15.80 -1.27
N THR C 114 49.96 16.62 -2.07
CA THR C 114 48.70 17.21 -1.65
C THR C 114 47.68 16.13 -1.40
N SER C 115 47.61 15.16 -2.32
CA SER C 115 46.66 14.05 -2.17
C SER C 115 46.87 13.21 -0.88
N VAL C 116 48.11 12.94 -0.51
CA VAL C 116 48.39 12.14 0.68
C VAL C 116 48.12 12.91 1.97
N VAL C 117 48.51 14.19 1.98
CA VAL C 117 48.38 15.03 3.18
C VAL C 117 46.93 15.41 3.55
N ILE C 118 46.15 15.97 2.61
CA ILE C 118 44.75 16.27 2.89
C ILE C 118 43.99 15.02 3.31
N SER C 119 44.23 13.90 2.64
CA SER C 119 43.39 12.73 2.88
C SER C 119 43.64 12.16 4.26
N SER C 120 44.84 12.39 4.78
CA SER C 120 45.22 11.87 6.09
C SER C 120 44.56 12.61 7.27
N MET C 121 43.95 13.77 6.99
CA MET C 121 43.30 14.58 8.03
C MET C 121 41.79 14.78 7.83
N VAL C 122 41.19 14.15 6.82
CA VAL C 122 39.73 14.26 6.57
C VAL C 122 39.13 12.89 6.36
N SER C 123 37.80 12.80 6.40
CA SER C 123 37.10 11.51 6.14
C SER C 123 36.68 11.23 4.69
N CYS C 124 36.63 12.27 3.87
CA CYS C 124 36.18 12.17 2.49
C CYS C 124 36.67 13.37 1.67
N ILE C 125 36.82 13.19 0.35
CA ILE C 125 37.05 14.31 -0.56
C ILE C 125 35.99 14.35 -1.68
N VAL C 126 35.26 15.45 -1.81
CA VAL C 126 34.35 15.69 -2.95
C VAL C 126 35.03 16.69 -3.91
N ALA C 127 35.42 16.23 -5.09
CA ALA C 127 36.29 17.04 -5.95
C ALA C 127 35.75 17.32 -7.33
N ARG C 128 35.92 18.57 -7.77
CA ARG C 128 35.81 18.98 -9.17
C ARG C 128 37.11 19.62 -9.67
N VAL C 129 37.72 18.99 -10.68
CA VAL C 129 39.05 19.42 -11.19
C VAL C 129 39.09 19.73 -12.72
N HIS C 132 40.17 15.17 -17.22
CA HIS C 132 39.78 14.02 -16.38
C HIS C 132 40.96 13.24 -15.76
N SER C 133 42.12 13.23 -16.41
CA SER C 133 43.31 12.57 -15.83
C SER C 133 43.56 12.99 -14.37
N ASP C 134 43.25 14.26 -14.09
CA ASP C 134 43.49 14.87 -12.78
C ASP C 134 42.70 14.28 -11.60
N ILE C 135 41.48 13.78 -11.84
CA ILE C 135 40.65 13.19 -10.76
C ILE C 135 41.02 11.73 -10.48
N ALA C 136 41.46 11.00 -11.50
CA ALA C 136 41.90 9.61 -11.35
C ALA C 136 43.16 9.50 -10.48
N ASN C 137 44.12 10.36 -10.75
CA ASN C 137 45.39 10.39 -10.02
C ASN C 137 45.27 10.85 -8.57
N LEU C 138 44.38 11.82 -8.33
CA LEU C 138 44.09 12.29 -6.97
C LEU C 138 43.44 11.19 -6.13
N ALA C 139 42.53 10.44 -6.77
CA ALA C 139 41.92 9.28 -6.16
C ALA C 139 42.97 8.21 -5.92
N LYS C 140 43.83 8.00 -6.90
CA LYS C 140 44.83 6.92 -6.88
C LYS C 140 45.72 6.91 -5.63
N HIS C 141 46.00 8.07 -5.05
CA HIS C 141 46.92 8.15 -3.93
C HIS C 141 46.25 8.64 -2.65
N SER C 142 44.91 8.67 -2.65
CA SER C 142 44.11 9.08 -1.49
C SER C 142 43.91 7.91 -0.54
N SER C 143 43.90 8.18 0.76
CA SER C 143 43.61 7.14 1.75
C SER C 143 42.12 7.11 2.13
N VAL C 144 41.32 7.99 1.53
CA VAL C 144 39.89 8.06 1.87
C VAL C 144 39.08 8.14 0.57
N PRO C 145 37.77 7.83 0.62
CA PRO C 145 37.04 7.78 -0.65
C PRO C 145 36.93 9.15 -1.33
N VAL C 146 37.10 9.18 -2.65
CA VAL C 146 36.83 10.36 -3.48
C VAL C 146 35.49 10.22 -4.22
N ILE C 147 34.71 11.30 -4.22
CA ILE C 147 33.50 11.40 -5.02
C ILE C 147 33.67 12.45 -6.12
N ASN C 148 33.40 12.05 -7.36
CA ASN C 148 33.48 12.97 -8.51
C ASN C 148 32.26 13.90 -8.66
N ALA C 149 32.46 15.19 -8.37
CA ALA C 149 31.36 16.19 -8.44
C ALA C 149 31.08 16.72 -9.86
N LEU C 150 32.10 16.67 -10.71
CA LEU C 150 32.01 17.01 -12.16
C LEU C 150 33.39 16.86 -12.81
N CYS C 151 33.40 16.34 -14.03
CA CYS C 151 34.61 16.32 -14.85
C CYS C 151 34.27 16.29 -16.34
N ASP C 152 35.30 16.44 -17.17
CA ASP C 152 35.22 16.27 -18.62
C ASP C 152 34.12 15.33 -19.14
N THR C 153 34.04 14.13 -18.56
CA THR C 153 33.28 13.04 -19.17
C THR C 153 32.15 12.43 -18.32
N PHE C 154 32.08 12.79 -17.04
CA PHE C 154 31.11 12.18 -16.10
C PHE C 154 30.51 13.21 -15.13
N HIS C 155 29.45 12.80 -14.44
CA HIS C 155 28.70 13.59 -13.45
C HIS C 155 27.75 12.62 -12.74
N PRO C 156 28.30 11.71 -11.92
CA PRO C 156 27.45 10.66 -11.36
C PRO C 156 26.31 11.22 -10.51
N LEU C 157 26.61 12.21 -9.67
CA LEU C 157 25.60 12.74 -8.78
C LEU C 157 24.35 13.26 -9.53
N GLN C 158 24.53 13.85 -10.70
CA GLN C 158 23.40 14.31 -11.50
C GLN C 158 22.52 13.16 -12.03
N ALA C 159 23.14 12.07 -12.49
CA ALA C 159 22.39 10.90 -12.94
C ALA C 159 21.53 10.28 -11.83
N ILE C 160 22.02 10.28 -10.59
CA ILE C 160 21.22 9.78 -9.48
C ILE C 160 19.99 10.71 -9.29
N ALA C 161 20.23 12.00 -9.22
CA ALA C 161 19.15 12.97 -9.05
C ALA C 161 18.13 12.88 -10.20
N ASP C 162 18.63 12.77 -11.43
CA ASP C 162 17.73 12.69 -12.58
C ASP C 162 16.82 11.47 -12.48
N PHE C 163 17.40 10.32 -12.08
CA PHE C 163 16.62 9.09 -12.01
C PHE C 163 15.65 9.02 -10.84
N LEU C 164 15.97 9.72 -9.75
CA LEU C 164 15.05 9.91 -8.64
C LEU C 164 13.83 10.69 -9.13
N THR C 165 14.08 11.81 -9.83
CA THR C 165 13.02 12.62 -10.47
C THR C 165 12.09 11.80 -11.35
N ILE C 166 12.65 11.06 -12.31
CA ILE C 166 11.86 10.21 -13.19
C ILE C 166 11.04 9.20 -12.39
N HIS C 167 11.67 8.58 -11.40
CA HIS C 167 11.04 7.53 -10.59
C HIS C 167 9.79 8.03 -9.87
N GLU C 168 9.86 9.25 -9.35
CA GLU C 168 8.73 9.83 -8.62
C GLU C 168 7.57 10.32 -9.50
N SER C 169 7.86 10.62 -10.76
CA SER C 169 6.85 11.08 -11.69
C SER C 169 6.16 9.95 -12.47
N PHE C 170 6.78 8.77 -12.53
CA PHE C 170 6.27 7.66 -13.33
C PHE C 170 5.72 6.45 -12.58
N ALA C 171 6.15 6.26 -11.34
CA ALA C 171 5.56 5.27 -10.45
C ALA C 171 4.50 5.93 -9.54
N THR C 179 8.57 -4.19 -5.33
CA THR C 179 9.93 -3.77 -5.65
C THR C 179 10.84 -4.95 -6.00
N HIS C 180 11.73 -4.75 -6.99
CA HIS C 180 12.64 -5.77 -7.50
C HIS C 180 14.05 -5.22 -7.42
N PRO C 181 14.93 -5.90 -6.64
CA PRO C 181 16.22 -5.28 -6.29
C PRO C 181 17.02 -4.72 -7.48
N SER C 182 16.99 -5.38 -8.65
CA SER C 182 17.83 -4.96 -9.78
C SER C 182 17.20 -3.94 -10.76
N SER C 183 16.05 -3.38 -10.41
CA SER C 183 15.33 -2.48 -11.30
C SER C 183 14.59 -1.40 -10.52
N LEU C 184 14.15 -0.37 -11.23
CA LEU C 184 13.34 0.70 -10.66
C LEU C 184 11.93 0.72 -11.23
N GLY C 185 11.58 -0.32 -11.99
CA GLY C 185 10.31 -0.39 -12.70
C GLY C 185 10.17 0.64 -13.80
N LEU C 186 11.24 0.90 -14.54
CA LEU C 186 11.16 1.92 -15.60
C LEU C 186 11.31 1.37 -17.01
N GLU C 187 11.36 0.04 -17.13
CA GLU C 187 11.52 -0.66 -18.42
C GLU C 187 10.62 -0.10 -19.51
N GLY C 188 11.22 0.15 -20.68
CA GLY C 188 10.43 0.49 -21.88
C GLY C 188 9.98 1.93 -22.01
N LEU C 189 10.49 2.79 -21.14
CA LEU C 189 10.20 4.21 -21.24
C LEU C 189 11.23 4.82 -22.23
N LYS C 190 10.90 5.97 -22.84
CA LYS C 190 11.84 6.60 -23.81
C LYS C 190 12.24 8.04 -23.45
N ILE C 191 13.55 8.27 -23.38
CA ILE C 191 14.13 9.62 -23.20
C ILE C 191 14.70 10.15 -24.51
N ALA C 192 14.36 11.39 -24.86
CA ALA C 192 14.92 12.04 -26.05
C ALA C 192 15.83 13.15 -25.61
N TRP C 193 17.11 13.02 -25.93
CA TRP C 193 18.08 14.04 -25.64
C TRP C 193 18.26 14.89 -26.88
N VAL C 194 18.12 16.21 -26.73
CA VAL C 194 18.21 17.15 -27.86
C VAL C 194 19.15 18.34 -27.60
N GLY C 195 20.35 18.29 -28.17
CA GLY C 195 21.35 19.33 -27.93
C GLY C 195 22.77 18.85 -28.11
N ASP C 196 23.65 19.32 -27.23
CA ASP C 196 25.07 18.96 -27.23
C ASP C 196 25.24 17.58 -26.53
N ALA C 197 26.29 16.85 -26.91
CA ALA C 197 26.67 15.61 -26.23
C ALA C 197 27.74 15.91 -25.19
N ASN C 198 27.39 15.77 -23.91
CA ASN C 198 28.29 16.08 -22.79
C ASN C 198 28.16 15.16 -21.55
N ASN C 199 29.00 15.41 -20.54
CA ASN C 199 29.08 14.59 -19.33
C ASN C 199 27.77 14.18 -18.67
N VAL C 200 26.82 15.10 -18.60
CA VAL C 200 25.48 14.81 -18.11
C VAL C 200 24.86 13.68 -18.96
N LEU C 201 24.83 13.85 -20.29
CA LEU C 201 24.29 12.80 -21.16
C LEU C 201 25.02 11.46 -21.00
N PHE C 202 26.35 11.49 -20.96
CA PHE C 202 27.16 10.27 -20.90
C PHE C 202 26.74 9.42 -19.70
N ASP C 203 26.60 10.04 -18.55
CA ASP C 203 26.19 9.31 -17.34
C ASP C 203 24.69 9.01 -17.28
N LEU C 204 23.87 9.94 -17.78
CA LEU C 204 22.45 9.67 -17.96
C LEU C 204 22.26 8.44 -18.82
N ALA C 205 23.06 8.30 -19.87
CA ALA C 205 22.90 7.17 -20.79
C ALA C 205 23.36 5.85 -20.19
N ILE C 206 24.43 5.87 -19.40
CA ILE C 206 24.93 4.61 -18.79
C ILE C 206 23.90 4.04 -17.80
N ALA C 207 23.35 4.91 -16.97
CA ALA C 207 22.27 4.56 -16.03
C ALA C 207 21.00 4.11 -16.78
N ALA C 208 20.63 4.87 -17.80
CA ALA C 208 19.48 4.54 -18.65
C ALA C 208 19.53 3.10 -19.15
N THR C 209 20.70 2.69 -19.66
CA THR C 209 20.90 1.35 -20.18
C THR C 209 20.69 0.27 -19.12
N LYS C 210 21.20 0.56 -17.92
CA LYS C 210 21.14 -0.37 -16.78
C LYS C 210 19.73 -0.59 -16.28
N MET C 211 18.87 0.41 -16.48
CA MET C 211 17.48 0.37 -16.03
C MET C 211 16.49 0.04 -17.15
N GLY C 212 17.00 -0.48 -18.26
CA GLY C 212 16.16 -0.84 -19.41
C GLY C 212 15.33 0.32 -19.92
N VAL C 213 15.93 1.50 -19.92
CA VAL C 213 15.30 2.71 -20.49
C VAL C 213 15.94 3.05 -21.85
N ASN C 214 15.09 3.34 -22.83
CA ASN C 214 15.57 3.69 -24.18
C ASN C 214 15.94 5.16 -24.33
N VAL C 215 16.98 5.40 -25.12
CA VAL C 215 17.54 6.74 -25.31
C VAL C 215 17.77 7.12 -26.78
N ALA C 216 17.07 8.15 -27.23
CA ALA C 216 17.27 8.75 -28.56
C ALA C 216 18.08 10.03 -28.42
N VAL C 217 19.17 10.11 -29.18
CA VAL C 217 20.10 11.25 -29.07
C VAL C 217 20.25 11.99 -30.38
N ALA C 218 19.81 13.24 -30.40
CA ALA C 218 19.92 14.07 -31.58
C ALA C 218 20.97 15.16 -31.35
N THR C 219 21.96 15.18 -32.23
CA THR C 219 22.98 16.22 -32.23
C THR C 219 23.24 16.66 -33.68
N PRO C 220 23.66 17.92 -33.86
CA PRO C 220 24.06 18.39 -35.20
C PRO C 220 25.36 17.72 -35.63
N ARG C 221 25.50 17.43 -36.93
CA ARG C 221 26.73 16.78 -37.42
C ARG C 221 28.00 17.45 -36.86
N GLY C 222 28.96 16.62 -36.44
CA GLY C 222 30.22 17.09 -35.88
C GLY C 222 30.27 17.08 -34.36
N TYR C 223 29.10 17.01 -33.71
CA TYR C 223 29.00 17.17 -32.25
C TYR C 223 28.46 15.94 -31.53
N GLU C 224 28.65 14.77 -32.14
CA GLU C 224 28.06 13.52 -31.64
C GLU C 224 28.77 12.92 -30.42
N ILE C 225 28.23 11.84 -29.87
CA ILE C 225 28.87 11.07 -28.79
C ILE C 225 30.22 10.52 -29.29
N PRO C 226 31.29 10.68 -28.47
CA PRO C 226 32.57 10.12 -28.92
C PRO C 226 32.65 8.59 -28.76
N SER C 227 33.63 7.99 -29.44
CA SER C 227 33.86 6.54 -29.46
C SER C 227 33.99 5.87 -28.10
N HIS C 228 34.96 6.31 -27.31
CA HIS C 228 35.20 5.75 -25.98
C HIS C 228 33.89 5.59 -25.18
N ILE C 229 32.99 6.57 -25.31
CA ILE C 229 31.74 6.56 -24.53
C ILE C 229 30.73 5.51 -25.03
N VAL C 230 30.58 5.42 -26.35
CA VAL C 230 29.78 4.36 -26.95
C VAL C 230 30.20 2.99 -26.40
N GLU C 231 31.52 2.75 -26.34
CA GLU C 231 32.05 1.51 -25.75
C GLU C 231 31.60 1.26 -24.29
N LEU C 232 31.65 2.30 -23.46
CA LEU C 232 31.21 2.17 -22.06
C LEU C 232 29.72 1.81 -21.91
N ILE C 233 28.89 2.38 -22.78
CA ILE C 233 27.45 2.10 -22.78
C ILE C 233 27.20 0.66 -23.21
N GLN C 234 27.98 0.21 -24.21
CA GLN C 234 27.87 -1.16 -24.73
C GLN C 234 28.31 -2.17 -23.66
N LYS C 235 29.33 -1.82 -22.89
CA LYS C 235 29.79 -2.72 -21.82
C LYS C 235 28.81 -2.72 -20.65
N ALA C 236 27.97 -1.69 -20.57
CA ALA C 236 26.91 -1.62 -19.56
C ALA C 236 25.74 -2.53 -19.89
N ARG C 237 25.67 -2.99 -21.13
CA ARG C 237 24.59 -3.85 -21.59
C ARG C 237 24.73 -5.28 -21.06
N GLU C 238 25.94 -5.69 -20.68
CA GLU C 238 26.22 -7.08 -20.29
C GLU C 238 25.68 -7.44 -18.91
N GLY C 239 24.96 -8.55 -18.82
CA GLY C 239 24.39 -9.04 -17.56
C GLY C 239 23.01 -8.50 -17.20
N VAL C 240 22.42 -7.72 -18.11
CA VAL C 240 21.07 -7.11 -17.92
C VAL C 240 19.98 -7.90 -18.66
N GLN C 241 18.88 -8.23 -17.96
CA GLN C 241 17.84 -9.07 -18.56
C GLN C 241 17.22 -8.39 -19.79
N SER C 242 16.61 -7.23 -19.58
CA SER C 242 16.07 -6.46 -20.68
C SER C 242 16.62 -5.04 -20.64
N PRO C 243 17.76 -4.81 -21.35
CA PRO C 243 18.51 -3.54 -21.35
C PRO C 243 17.88 -2.46 -22.23
N GLY C 244 18.36 -1.23 -22.11
CA GLY C 244 17.88 -0.12 -22.92
C GLY C 244 18.72 0.15 -24.16
N ASN C 245 18.05 0.56 -25.23
CA ASN C 245 18.66 0.77 -26.53
C ASN C 245 19.05 2.22 -26.78
N LEU C 246 20.03 2.40 -27.66
CA LEU C 246 20.52 3.74 -27.99
C LEU C 246 20.39 4.07 -29.49
N THR C 247 19.75 5.20 -29.75
CA THR C 247 19.55 5.70 -31.11
C THR C 247 20.33 6.99 -31.30
N GLN C 248 20.94 7.14 -32.46
CA GLN C 248 21.66 8.38 -32.77
C GLN C 248 21.14 8.97 -34.08
N THR C 249 20.94 10.28 -34.09
CA THR C 249 20.32 10.97 -35.24
C THR C 249 20.86 12.40 -35.45
N THR C 250 20.17 13.18 -36.29
CA THR C 250 20.53 14.60 -36.54
C THR C 250 19.29 15.50 -36.59
N VAL C 251 18.13 14.88 -36.85
CA VAL C 251 16.84 15.57 -36.88
C VAL C 251 16.20 15.52 -35.49
N PRO C 252 15.96 16.70 -34.88
CA PRO C 252 15.22 16.79 -33.62
C PRO C 252 13.81 16.21 -33.77
N GLU C 253 13.15 16.52 -34.89
CA GLU C 253 11.83 15.96 -35.21
C GLU C 253 11.76 14.43 -35.03
N VAL C 254 12.87 13.73 -35.32
CA VAL C 254 12.93 12.25 -35.23
C VAL C 254 12.99 11.72 -33.79
N ALA C 255 13.94 12.21 -33.01
CA ALA C 255 14.20 11.75 -31.63
C ALA C 255 12.97 11.76 -30.71
N VAL C 256 12.21 12.86 -30.76
CA VAL C 256 11.02 13.05 -29.91
C VAL C 256 9.87 12.05 -30.15
N LYS C 257 9.82 11.42 -31.34
CA LYS C 257 8.76 10.48 -31.68
C LYS C 257 8.51 9.48 -30.55
N ASP C 258 7.28 9.49 -30.04
CA ASP C 258 6.82 8.57 -28.98
C ASP C 258 7.50 8.78 -27.58
N ALA C 259 8.15 9.94 -27.37
CA ALA C 259 8.97 10.15 -26.17
C ALA C 259 8.16 10.44 -24.89
N ASP C 260 8.62 9.87 -23.77
CA ASP C 260 7.99 10.14 -22.47
C ASP C 260 8.58 11.34 -21.77
N VAL C 261 9.89 11.55 -21.99
CA VAL C 261 10.67 12.66 -21.41
C VAL C 261 11.58 13.28 -22.46
N ILE C 262 11.64 14.61 -22.49
CA ILE C 262 12.59 15.31 -23.36
C ILE C 262 13.56 16.12 -22.51
N VAL C 263 14.85 15.76 -22.58
CA VAL C 263 15.89 16.54 -21.87
C VAL C 263 16.76 17.38 -22.81
N THR C 264 17.26 18.49 -22.29
CA THR C 264 18.32 19.26 -22.94
C THR C 264 19.24 19.92 -21.88
N ASP C 265 20.38 20.47 -22.35
CA ASP C 265 21.35 21.16 -21.52
C ASP C 265 21.79 22.42 -22.25
N THR C 266 22.38 23.34 -21.50
CA THR C 266 23.01 24.55 -22.04
C THR C 266 24.18 24.17 -22.98
N TRP C 267 24.39 24.97 -24.04
CA TRP C 267 25.49 24.71 -24.98
C TRP C 267 26.85 25.23 -24.50
N LYS C 276 32.03 28.92 -30.27
CA LYS C 276 31.02 29.92 -29.94
C LYS C 276 30.22 30.33 -31.18
N ILE C 277 30.94 30.83 -32.20
CA ILE C 277 30.30 31.34 -33.41
C ILE C 277 29.62 30.23 -34.22
N LYS C 278 30.41 29.25 -34.68
CA LYS C 278 29.90 28.14 -35.50
C LYS C 278 28.93 27.23 -34.75
N ARG C 279 28.89 27.36 -33.42
CA ARG C 279 27.92 26.64 -32.59
C ARG C 279 26.49 27.16 -32.74
N LEU C 280 26.32 28.48 -32.77
CA LEU C 280 24.98 29.07 -32.94
C LEU C 280 24.27 28.78 -34.28
N GLU C 281 25.03 28.68 -35.38
CA GLU C 281 24.47 28.39 -36.71
C GLU C 281 24.06 26.93 -36.91
N ALA C 282 24.87 26.01 -36.38
CA ALA C 282 24.59 24.57 -36.46
C ALA C 282 23.39 24.17 -35.61
N PHE C 283 23.36 24.65 -34.36
CA PHE C 283 22.29 24.37 -33.40
C PHE C 283 20.99 25.17 -33.65
N LYS C 284 20.78 25.67 -34.87
CA LYS C 284 19.58 26.46 -35.20
C LYS C 284 18.30 25.70 -34.84
N ASP C 285 18.05 24.59 -35.53
CA ASP C 285 16.78 23.82 -35.40
C ASP C 285 16.49 23.23 -34.01
N PHE C 286 17.36 23.49 -33.03
CA PHE C 286 17.45 22.67 -31.81
C PHE C 286 16.81 23.18 -30.53
N LYS C 287 16.00 24.24 -30.63
CA LYS C 287 15.33 24.84 -29.46
C LYS C 287 14.09 24.02 -29.12
N VAL C 288 14.05 23.52 -27.89
CA VAL C 288 12.92 22.71 -27.41
C VAL C 288 11.66 23.58 -27.26
N THR C 289 10.68 23.33 -28.12
CA THR C 289 9.44 24.11 -28.16
C THR C 289 8.22 23.20 -28.10
N SER C 290 7.06 23.81 -27.91
CA SER C 290 5.80 23.08 -27.95
C SER C 290 5.50 22.58 -29.35
N GLU C 291 5.86 23.38 -30.35
CA GLU C 291 5.66 23.02 -31.76
C GLU C 291 6.56 21.84 -32.19
N LEU C 292 7.79 21.81 -31.69
CA LEU C 292 8.69 20.66 -31.92
C LEU C 292 8.11 19.35 -31.36
N ALA C 293 7.51 19.42 -30.17
CA ALA C 293 6.88 18.25 -29.56
C ALA C 293 5.71 17.71 -30.42
N LYS C 294 4.84 18.60 -30.90
CA LYS C 294 3.68 18.20 -31.69
C LYS C 294 4.11 17.64 -33.03
N ARG C 295 4.99 18.37 -33.73
CA ARG C 295 5.50 18.00 -35.08
C ARG C 295 6.17 16.63 -35.22
N GLY C 296 6.84 16.17 -34.18
CA GLY C 296 7.52 14.86 -34.17
C GLY C 296 6.71 13.70 -33.59
N GLY C 297 5.57 14.03 -32.97
CA GLY C 297 4.62 13.05 -32.44
C GLY C 297 4.95 12.47 -31.07
N ALA C 298 5.33 13.34 -30.13
CA ALA C 298 5.65 12.91 -28.77
C ALA C 298 4.36 12.56 -28.05
N LYS C 299 4.47 11.71 -27.01
CA LYS C 299 3.31 11.31 -26.22
C LYS C 299 2.56 12.56 -25.74
N GLU C 300 1.22 12.50 -25.72
CA GLU C 300 0.40 13.61 -25.24
C GLU C 300 0.90 14.18 -23.89
N ASN C 301 1.24 13.30 -22.95
CA ASN C 301 1.66 13.75 -21.60
C ASN C 301 3.17 13.71 -21.35
N TRP C 302 3.96 14.30 -22.24
CA TRP C 302 5.42 14.28 -22.11
C TRP C 302 5.91 15.26 -21.04
N LYS C 303 7.09 14.99 -20.49
CA LYS C 303 7.65 15.78 -19.38
C LYS C 303 9.01 16.33 -19.79
N PHE C 304 9.39 17.48 -19.24
CA PHE C 304 10.63 18.16 -19.65
C PHE C 304 11.72 18.20 -18.57
N MET C 305 12.97 17.93 -18.93
CA MET C 305 14.09 18.03 -17.96
C MET C 305 15.28 18.90 -18.41
N HIS C 306 16.04 19.39 -17.42
CA HIS C 306 17.20 20.28 -17.64
C HIS C 306 17.91 20.46 -16.31
N CYS C 307 19.14 19.98 -16.18
CA CYS C 307 19.90 20.04 -14.90
C CYS C 307 20.21 21.44 -14.33
N LEU C 308 20.14 22.47 -15.18
CA LEU C 308 20.34 23.87 -14.75
C LEU C 308 21.82 24.28 -14.67
N PRO C 309 22.12 25.60 -14.84
CA PRO C 309 21.14 26.68 -15.10
C PRO C 309 20.70 26.69 -16.57
N ARG C 310 19.58 27.38 -16.81
CA ARG C 310 18.98 27.48 -18.14
C ARG C 310 19.20 28.86 -18.76
N HIS C 311 19.59 28.88 -20.04
CA HIS C 311 19.54 30.11 -20.86
C HIS C 311 18.45 29.97 -21.94
N PRO C 312 18.07 31.09 -22.60
CA PRO C 312 16.94 31.10 -23.57
C PRO C 312 17.12 30.31 -24.87
N GLU C 313 18.34 29.89 -25.17
CA GLU C 313 18.64 29.26 -26.47
C GLU C 313 18.11 27.84 -26.59
N GLU C 314 18.16 27.09 -25.48
CA GLU C 314 17.88 25.66 -25.47
C GLU C 314 16.40 25.33 -25.42
N VAL C 315 15.62 26.19 -24.78
CA VAL C 315 14.20 25.95 -24.50
C VAL C 315 13.43 27.25 -24.23
N SER C 316 12.17 27.31 -24.70
CA SER C 316 11.29 28.47 -24.51
C SER C 316 10.78 28.65 -23.08
N ASP C 317 10.26 29.84 -22.80
CA ASP C 317 9.62 30.17 -21.52
C ASP C 317 8.35 29.35 -21.28
N GLU C 318 7.62 29.10 -22.35
CA GLU C 318 6.36 28.37 -22.27
C GLU C 318 6.56 26.93 -21.75
N VAL C 319 7.53 26.21 -22.33
CA VAL C 319 7.84 24.87 -21.89
C VAL C 319 8.44 24.90 -20.48
N PHE C 320 9.51 25.67 -20.30
CA PHE C 320 10.28 25.71 -19.06
C PHE C 320 9.39 25.91 -17.84
N TYR C 321 8.37 26.77 -17.97
CA TYR C 321 7.49 27.07 -16.84
C TYR C 321 6.09 26.43 -16.92
N SER C 322 5.90 25.43 -17.77
CA SER C 322 4.62 24.71 -17.82
C SER C 322 4.51 23.60 -16.76
N GLU C 323 3.28 23.19 -16.44
CA GLU C 323 2.98 22.04 -15.58
C GLU C 323 3.68 20.76 -16.06
N ARG C 324 4.13 20.83 -17.31
CA ARG C 324 4.94 19.82 -17.95
C ARG C 324 6.38 19.72 -17.38
N SER C 325 6.86 20.80 -16.76
CA SER C 325 8.29 20.96 -16.43
C SER C 325 8.72 20.52 -15.01
N LEU C 326 9.66 19.58 -14.95
CA LEU C 326 10.14 19.04 -13.69
C LEU C 326 11.42 19.75 -13.15
N VAL C 327 11.87 20.79 -13.85
CA VAL C 327 13.11 21.48 -13.54
C VAL C 327 13.35 21.73 -12.02
N PHE C 328 12.37 22.28 -11.33
CA PHE C 328 12.59 22.66 -9.94
C PHE C 328 12.72 21.49 -8.94
N PRO C 329 11.82 20.48 -9.00
CA PRO C 329 12.09 19.28 -8.19
C PRO C 329 13.43 18.61 -8.55
N GLU C 330 13.74 18.51 -9.85
CA GLU C 330 15.02 17.99 -10.32
C GLU C 330 16.23 18.64 -9.63
N ALA C 331 16.19 19.96 -9.40
CA ALA C 331 17.25 20.70 -8.72
C ALA C 331 17.38 20.33 -7.23
N GLU C 332 16.24 20.23 -6.56
CA GLU C 332 16.18 19.87 -5.17
C GLU C 332 16.70 18.45 -4.95
N ASN C 333 16.50 17.58 -5.95
CA ASN C 333 16.85 16.17 -5.81
C ASN C 333 18.34 15.91 -5.67
N ARG C 334 19.16 16.90 -6.06
CA ARG C 334 20.58 16.88 -5.77
C ARG C 334 20.85 16.67 -4.26
N LEU C 335 20.01 17.27 -3.40
CA LEU C 335 20.21 17.17 -1.94
C LEU C 335 20.09 15.75 -1.43
N TRP C 336 19.02 15.09 -1.84
CA TRP C 336 18.71 13.74 -1.38
C TRP C 336 19.64 12.68 -2.00
N ALA C 337 20.11 12.94 -3.21
CA ALA C 337 21.06 12.07 -3.90
C ALA C 337 22.41 12.09 -3.19
N ALA C 338 22.77 13.26 -2.65
CA ALA C 338 24.06 13.45 -2.01
C ALA C 338 24.09 12.73 -0.67
N ILE C 339 22.98 12.81 0.07
CA ILE C 339 22.80 12.06 1.31
C ILE C 339 22.98 10.57 1.06
N SER C 340 22.29 10.06 0.04
CA SER C 340 22.35 8.65 -0.30
C SER C 340 23.79 8.22 -0.64
N ALA C 341 24.49 9.04 -1.44
CA ALA C 341 25.86 8.77 -1.85
C ALA C 341 26.85 8.85 -0.70
N LEU C 342 26.77 9.95 0.07
CA LEU C 342 27.66 10.12 1.20
C LEU C 342 27.51 9.00 2.25
N GLU C 343 26.26 8.60 2.52
CA GLU C 343 26.00 7.45 3.41
C GLU C 343 26.68 6.21 2.86
N ALA C 344 26.42 5.88 1.59
CA ALA C 344 26.93 4.62 1.00
C ALA C 344 28.46 4.52 0.97
N PHE C 345 29.12 5.57 0.48
CA PHE C 345 30.57 5.52 0.26
C PHE C 345 31.41 5.86 1.48
N VAL C 346 30.86 6.62 2.43
CA VAL C 346 31.65 7.02 3.60
C VAL C 346 31.25 6.24 4.85
N VAL C 347 30.01 6.37 5.25
CA VAL C 347 29.50 5.68 6.42
C VAL C 347 29.56 4.14 6.24
N ASN C 348 29.16 3.66 5.06
CA ASN C 348 29.13 2.23 4.81
C ASN C 348 30.35 1.70 4.06
N LYS C 349 31.35 2.57 3.90
CA LYS C 349 32.65 2.22 3.32
C LYS C 349 32.55 1.44 2.00
N GLY C 350 31.63 1.85 1.13
CA GLY C 350 31.50 1.27 -0.20
C GLY C 350 30.59 0.05 -0.33
N LYS C 351 30.12 -0.47 0.80
CA LYS C 351 29.11 -1.56 0.82
C LYS C 351 27.70 -0.95 0.75
N ILE C 352 27.09 -1.03 -0.43
CA ILE C 352 25.81 -0.38 -0.67
C ILE C 352 24.61 -1.26 -0.24
N ALA C 353 23.92 -0.84 0.82
CA ALA C 353 22.77 -1.59 1.40
C ALA C 353 21.51 -0.72 1.53
#